data_5HPP
# 
_entry.id   5HPP 
# 
_audit_conform.dict_name       mmcif_pdbx.dic 
_audit_conform.dict_version    5.403 
_audit_conform.dict_location   http://mmcif.pdb.org/dictionaries/ascii/mmcif_pdbx.dic 
# 
loop_
_database_2.database_id 
_database_2.database_code 
_database_2.pdbx_database_accession 
_database_2.pdbx_DOI 
PDB   5HPP         pdb_00005hpp 10.2210/pdb5hpp/pdb 
WWPDB D_1000217497 ?            ?                   
# 
loop_
_pdbx_audit_revision_history.ordinal 
_pdbx_audit_revision_history.data_content_type 
_pdbx_audit_revision_history.major_revision 
_pdbx_audit_revision_history.minor_revision 
_pdbx_audit_revision_history.revision_date 
_pdbx_audit_revision_history.part_number 
1 'Structure model' 1 0 2016-08-10 ? 
2 'Structure model' 1 1 2017-05-17 ? 
3 'Structure model' 1 2 2017-09-20 ? 
4 'Structure model' 1 3 2019-12-25 ? 
5 'Structure model' 1 4 2025-04-02 ? 
# 
_pdbx_audit_revision_details.ordinal             1 
_pdbx_audit_revision_details.revision_ordinal    1 
_pdbx_audit_revision_details.data_content_type   'Structure model' 
_pdbx_audit_revision_details.provider            repository 
_pdbx_audit_revision_details.type                'Initial release' 
_pdbx_audit_revision_details.description         ? 
_pdbx_audit_revision_details.details             ? 
# 
loop_
_pdbx_audit_revision_group.ordinal 
_pdbx_audit_revision_group.revision_ordinal 
_pdbx_audit_revision_group.data_content_type 
_pdbx_audit_revision_group.group 
1 2 'Structure model' 'Database references'        
2 3 'Structure model' Advisory                     
3 3 'Structure model' 'Author supporting evidence' 
4 4 'Structure model' 'Author supporting evidence' 
5 5 'Structure model' 'Data collection'            
6 5 'Structure model' 'Database references'        
7 5 'Structure model' 'Derived calculations'       
8 5 'Structure model' 'Structure summary'          
# 
loop_
_pdbx_audit_revision_category.ordinal 
_pdbx_audit_revision_category.revision_ordinal 
_pdbx_audit_revision_category.data_content_type 
_pdbx_audit_revision_category.category 
1 3 'Structure model' pdbx_audit_support            
2 3 'Structure model' pdbx_validate_polymer_linkage 
3 4 'Structure model' pdbx_audit_support            
4 5 'Structure model' chem_comp_atom                
5 5 'Structure model' chem_comp_bond                
6 5 'Structure model' database_2                    
7 5 'Structure model' pdbx_entry_details            
8 5 'Structure model' pdbx_modification_feature     
9 5 'Structure model' struct_conn                   
# 
loop_
_pdbx_audit_revision_item.ordinal 
_pdbx_audit_revision_item.revision_ordinal 
_pdbx_audit_revision_item.data_content_type 
_pdbx_audit_revision_item.item 
1  3 'Structure model' '_pdbx_audit_support.funding_organization' 
2  4 'Structure model' '_pdbx_audit_support.funding_organization' 
3  5 'Structure model' '_database_2.pdbx_DOI'                     
4  5 'Structure model' '_database_2.pdbx_database_accession'      
5  5 'Structure model' '_struct_conn.pdbx_dist_value'             
6  5 'Structure model' '_struct_conn.ptnr1_label_atom_id'         
7  5 'Structure model' '_struct_conn.ptnr2_auth_comp_id'          
8  5 'Structure model' '_struct_conn.ptnr2_auth_seq_id'           
9  5 'Structure model' '_struct_conn.ptnr2_label_atom_id'         
10 5 'Structure model' '_struct_conn.ptnr2_label_comp_id'         
11 5 'Structure model' '_struct_conn.ptnr2_label_seq_id'          
# 
_pdbx_database_status.status_code                     REL 
_pdbx_database_status.status_code_sf                  REL 
_pdbx_database_status.status_code_mr                  ? 
_pdbx_database_status.entry_id                        5HPP 
_pdbx_database_status.recvd_initial_deposition_date   2016-01-20 
_pdbx_database_status.SG_entry                        N 
_pdbx_database_status.deposit_site                    RCSB 
_pdbx_database_status.process_site                    RCSB 
_pdbx_database_status.status_code_cs                  ? 
_pdbx_database_status.methods_development_category    ? 
_pdbx_database_status.pdb_format_compatible           Y 
_pdbx_database_status.status_code_nmr_data            ? 
# 
loop_
_audit_author.name 
_audit_author.pdbx_ordinal 
'Yoo, S.'        1 
'Kreutzer, A.G.' 2 
'Nowick, J.S.'   3 
# 
_citation.abstract                  ? 
_citation.abstract_id_CAS           ? 
_citation.book_id_ISBN              ? 
_citation.book_publisher            ? 
_citation.book_publisher_city       ? 
_citation.book_title                ? 
_citation.coordinate_linkage        ? 
_citation.country                   UK 
_citation.database_id_Medline       ? 
_citation.details                   ? 
_citation.id                        primary 
_citation.journal_abbrev            'Chem Sci' 
_citation.journal_id_ASTM           ? 
_citation.journal_id_CSD            ? 
_citation.journal_id_ISSN           2041-6520 
_citation.journal_full              ? 
_citation.journal_issue             ? 
_citation.journal_volume            7 
_citation.language                  ? 
_citation.page_first                6946 
_citation.page_last                 6951 
_citation.title                     'Square channels formed by a peptide derived from transthyretin.' 
_citation.year                      2016 
_citation.database_id_CSD           ? 
_citation.pdbx_database_id_DOI      10.1039/c6sc01927g 
_citation.pdbx_database_id_PubMed   28451128 
_citation.unpublished_flag          ? 
# 
loop_
_citation_author.citation_id 
_citation_author.name 
_citation_author.ordinal 
_citation_author.identifier_ORCID 
primary 'Yoo, S.'        1 ? 
primary 'Kreutzer, A.G.' 2 ? 
primary 'Truex, N.L.'    3 ? 
primary 'Nowick, J.S.'   4 ? 
# 
loop_
_entity.id 
_entity.type 
_entity.src_method 
_entity.pdbx_description 
_entity.formula_weight 
_entity.pdbx_number_of_molecules 
_entity.pdbx_ec 
_entity.pdbx_mutation 
_entity.pdbx_fragment 
_entity.details 
1 polymer     syn ORN-THR-ILE-ALA-MAA-LEU-LEU-SER-ORN-SER-PHI-SER-THR-THR-ALA-VAL 1749.787 1  ? ? ? ? 
2 non-polymer syn 'CHLORIDE ION'                                                  35.453   1  ? ? ? ? 
3 water       nat water                                                           18.015   14 ? ? ? ? 
# 
_entity_poly.entity_id                      1 
_entity_poly.type                           'polypeptide(L)' 
_entity_poly.nstd_linkage                   no 
_entity_poly.nstd_monomer                   yes 
_entity_poly.pdbx_seq_one_letter_code       '(ORN)TIA(MAA)LLS(ORN)S(PHI)STTAV' 
_entity_poly.pdbx_seq_one_letter_code_can   ATIAALLSASFSTTAV 
_entity_poly.pdbx_strand_id                 A 
_entity_poly.pdbx_target_identifier         ? 
# 
loop_
_pdbx_entity_nonpoly.entity_id 
_pdbx_entity_nonpoly.name 
_pdbx_entity_nonpoly.comp_id 
2 'CHLORIDE ION' CL  
3 water          HOH 
# 
loop_
_entity_poly_seq.entity_id 
_entity_poly_seq.num 
_entity_poly_seq.mon_id 
_entity_poly_seq.hetero 
1 1  ORN n 
1 2  THR n 
1 3  ILE n 
1 4  ALA n 
1 5  MAA n 
1 6  LEU n 
1 7  LEU n 
1 8  SER n 
1 9  ORN n 
1 10 SER n 
1 11 PHI n 
1 12 SER n 
1 13 THR n 
1 14 THR n 
1 15 ALA n 
1 16 VAL n 
# 
_pdbx_entity_src_syn.entity_id              1 
_pdbx_entity_src_syn.pdbx_src_id            1 
_pdbx_entity_src_syn.pdbx_alt_source_flag   sample 
_pdbx_entity_src_syn.pdbx_beg_seq_num       1 
_pdbx_entity_src_syn.pdbx_end_seq_num       16 
_pdbx_entity_src_syn.organism_scientific    'Homo sapiens' 
_pdbx_entity_src_syn.organism_common_name   ? 
_pdbx_entity_src_syn.ncbi_taxonomy_id       9606 
_pdbx_entity_src_syn.details                ? 
# 
loop_
_chem_comp.id 
_chem_comp.type 
_chem_comp.mon_nstd_flag 
_chem_comp.name 
_chem_comp.pdbx_synonyms 
_chem_comp.formula 
_chem_comp.formula_weight 
ALA 'L-peptide linking' y ALANINE            ? 'C3 H7 N O2'    89.093  
CL  non-polymer         . 'CHLORIDE ION'     ? 'Cl -1'         35.453  
HOH non-polymer         . WATER              ? 'H2 O'          18.015  
ILE 'L-peptide linking' y ISOLEUCINE         ? 'C6 H13 N O2'   131.173 
LEU 'L-peptide linking' y LEUCINE            ? 'C6 H13 N O2'   131.173 
MAA 'L-peptide linking' n N-methyl-L-alanine ? 'C4 H9 N O2'    103.120 
ORN 'L-peptide linking' n L-ornithine        ? 'C5 H12 N2 O2'  132.161 
PHI 'L-peptide linking' n IODO-PHENYLALANINE ? 'C9 H10 I N O2' 291.086 
SER 'L-peptide linking' y SERINE             ? 'C3 H7 N O3'    105.093 
THR 'L-peptide linking' y THREONINE          ? 'C4 H9 N O3'    119.119 
VAL 'L-peptide linking' y VALINE             ? 'C5 H11 N O2'   117.146 
# 
loop_
_pdbx_poly_seq_scheme.asym_id 
_pdbx_poly_seq_scheme.entity_id 
_pdbx_poly_seq_scheme.seq_id 
_pdbx_poly_seq_scheme.mon_id 
_pdbx_poly_seq_scheme.ndb_seq_num 
_pdbx_poly_seq_scheme.pdb_seq_num 
_pdbx_poly_seq_scheme.auth_seq_num 
_pdbx_poly_seq_scheme.pdb_mon_id 
_pdbx_poly_seq_scheme.auth_mon_id 
_pdbx_poly_seq_scheme.pdb_strand_id 
_pdbx_poly_seq_scheme.pdb_ins_code 
_pdbx_poly_seq_scheme.hetero 
A 1 1  ORN 1  1  1  ORN ORN A . n 
A 1 2  THR 2  2  2  THR THR A . n 
A 1 3  ILE 3  3  3  ILE ILE A . n 
A 1 4  ALA 4  4  4  ALA ALA A . n 
A 1 5  MAA 5  5  5  MAA MAA A . n 
A 1 6  LEU 6  6  6  LEU LEU A . n 
A 1 7  LEU 7  7  7  LEU LEU A . n 
A 1 8  SER 8  8  8  SER SER A . n 
A 1 9  ORN 9  9  9  ORN ORN A . n 
A 1 10 SER 10 10 10 SER SER A . n 
A 1 11 PHI 11 11 11 PHI PHI A . n 
A 1 12 SER 12 12 12 SER SER A . n 
A 1 13 THR 13 13 13 THR THR A . n 
A 1 14 THR 14 14 14 THR THR A . n 
A 1 15 ALA 15 15 15 ALA ALA A . n 
A 1 16 VAL 16 16 16 VAL VAL A . n 
# 
loop_
_pdbx_nonpoly_scheme.asym_id 
_pdbx_nonpoly_scheme.entity_id 
_pdbx_nonpoly_scheme.mon_id 
_pdbx_nonpoly_scheme.ndb_seq_num 
_pdbx_nonpoly_scheme.pdb_seq_num 
_pdbx_nonpoly_scheme.auth_seq_num 
_pdbx_nonpoly_scheme.pdb_mon_id 
_pdbx_nonpoly_scheme.auth_mon_id 
_pdbx_nonpoly_scheme.pdb_strand_id 
_pdbx_nonpoly_scheme.pdb_ins_code 
B 2 CL  1  101 1  CL  CL  A . 
C 3 HOH 1  201 3  HOH HOH A . 
C 3 HOH 2  202 14 HOH HOH A . 
C 3 HOH 3  203 1  HOH HOH A . 
C 3 HOH 4  204 5  HOH HOH A . 
C 3 HOH 5  205 12 HOH HOH A . 
C 3 HOH 6  206 2  HOH HOH A . 
C 3 HOH 7  207 7  HOH HOH A . 
C 3 HOH 8  208 4  HOH HOH A . 
C 3 HOH 9  209 8  HOH HOH A . 
C 3 HOH 10 210 6  HOH HOH A . 
C 3 HOH 11 211 13 HOH HOH A . 
C 3 HOH 12 212 9  HOH HOH A . 
C 3 HOH 13 213 10 HOH HOH A . 
C 3 HOH 14 214 11 HOH HOH A . 
# 
loop_
_software.citation_id 
_software.classification 
_software.compiler_name 
_software.compiler_version 
_software.contact_author 
_software.contact_author_email 
_software.date 
_software.description 
_software.dependencies 
_software.hardware 
_software.language 
_software.location 
_software.mods 
_software.name 
_software.os 
_software.os_version 
_software.type 
_software.version 
_software.pdbx_ordinal 
? refinement       ? ? ? ? ? ? ? ? ? ? ? PHENIX  ? ? ? '(1.10.1_2155: 000)' 1 
? 'data reduction' ? ? ? ? ? ? ? ? ? ? ? MOSFLM  ? ? ? 7.2.1                2 
? 'data scaling'   ? ? ? ? ? ? ? ? ? ? ? Aimless ? ? ? 0.5.17               3 
? phasing          ? ? ? ? ? ? ? ? ? ? ? PHASER  ? ? ? '(1.10.1_2155: 000)' 4 
# 
_cell.angle_alpha                  90.00 
_cell.angle_alpha_esd              ? 
_cell.angle_beta                   90.00 
_cell.angle_beta_esd               ? 
_cell.angle_gamma                  90.00 
_cell.angle_gamma_esd              ? 
_cell.entry_id                     5HPP 
_cell.details                      ? 
_cell.formula_units_Z              ? 
_cell.length_a                     42.300 
_cell.length_a_esd                 ? 
_cell.length_b                     42.300 
_cell.length_b_esd                 ? 
_cell.length_c                     16.320 
_cell.length_c_esd                 ? 
_cell.volume                       ? 
_cell.volume_esd                   ? 
_cell.Z_PDB                        8 
_cell.reciprocal_angle_alpha       ? 
_cell.reciprocal_angle_beta        ? 
_cell.reciprocal_angle_gamma       ? 
_cell.reciprocal_angle_alpha_esd   ? 
_cell.reciprocal_angle_beta_esd    ? 
_cell.reciprocal_angle_gamma_esd   ? 
_cell.reciprocal_length_a          ? 
_cell.reciprocal_length_b          ? 
_cell.reciprocal_length_c          ? 
_cell.reciprocal_length_a_esd      ? 
_cell.reciprocal_length_b_esd      ? 
_cell.reciprocal_length_c_esd      ? 
_cell.pdbx_unique_axis             ? 
# 
_symmetry.entry_id                         5HPP 
_symmetry.cell_setting                     ? 
_symmetry.Int_Tables_number                96 
_symmetry.space_group_name_Hall            ? 
_symmetry.space_group_name_H-M             'P 43 21 2' 
_symmetry.pdbx_full_space_group_name_H-M   ? 
# 
_exptl.absorpt_coefficient_mu     ? 
_exptl.absorpt_correction_T_max   ? 
_exptl.absorpt_correction_T_min   ? 
_exptl.absorpt_correction_type    ? 
_exptl.absorpt_process_details    ? 
_exptl.entry_id                   5HPP 
_exptl.crystals_number            1 
_exptl.details                    ? 
_exptl.method                     'X-RAY DIFFRACTION' 
_exptl.method_details             ? 
# 
_exptl_crystal.colour                      ? 
_exptl_crystal.density_diffrn              ? 
_exptl_crystal.density_Matthews            2.03 
_exptl_crystal.density_method              ? 
_exptl_crystal.density_percent_sol         39.3 
_exptl_crystal.description                 'Thin elongated rods' 
_exptl_crystal.F_000                       ? 
_exptl_crystal.id                          1 
_exptl_crystal.preparation                 ? 
_exptl_crystal.size_max                    ? 
_exptl_crystal.size_mid                    ? 
_exptl_crystal.size_min                    ? 
_exptl_crystal.size_rad                    ? 
_exptl_crystal.colour_lustre               ? 
_exptl_crystal.colour_modifier             ? 
_exptl_crystal.colour_primary              ? 
_exptl_crystal.density_meas                ? 
_exptl_crystal.density_meas_esd            ? 
_exptl_crystal.density_meas_gt             ? 
_exptl_crystal.density_meas_lt             ? 
_exptl_crystal.density_meas_temp           ? 
_exptl_crystal.density_meas_temp_esd       ? 
_exptl_crystal.density_meas_temp_gt        ? 
_exptl_crystal.density_meas_temp_lt        ? 
_exptl_crystal.pdbx_crystal_image_url      ? 
_exptl_crystal.pdbx_crystal_image_format   ? 
_exptl_crystal.pdbx_mosaicity              ? 
_exptl_crystal.pdbx_mosaicity_esd          ? 
# 
_exptl_crystal_grow.apparatus       ? 
_exptl_crystal_grow.atmosphere      ? 
_exptl_crystal_grow.crystal_id      1 
_exptl_crystal_grow.details         ? 
_exptl_crystal_grow.method          'VAPOR DIFFUSION, HANGING DROP' 
_exptl_crystal_grow.method_ref      ? 
_exptl_crystal_grow.pH              5.3 
_exptl_crystal_grow.pressure        ? 
_exptl_crystal_grow.pressure_esd    ? 
_exptl_crystal_grow.seeding         ? 
_exptl_crystal_grow.seeding_ref     ? 
_exptl_crystal_grow.temp            297 
_exptl_crystal_grow.temp_details    ? 
_exptl_crystal_grow.temp_esd        ? 
_exptl_crystal_grow.time            ? 
_exptl_crystal_grow.pdbx_details    
;0.1 M NaOAc pH 5.3, 0.2 M CaCl2, and
31% isopropanol
;
_exptl_crystal_grow.pdbx_pH_range   ? 
# 
_diffrn.ambient_environment    ? 
_diffrn.ambient_temp           133 
_diffrn.ambient_temp_details   ? 
_diffrn.ambient_temp_esd       ? 
_diffrn.crystal_id             1 
_diffrn.crystal_support        ? 
_diffrn.crystal_treatment      ? 
_diffrn.details                ? 
_diffrn.id                     1 
_diffrn.ambient_pressure       ? 
_diffrn.ambient_pressure_esd   ? 
_diffrn.ambient_pressure_gt    ? 
_diffrn.ambient_pressure_lt    ? 
_diffrn.ambient_temp_gt        ? 
_diffrn.ambient_temp_lt        ? 
# 
_diffrn_detector.details                      ? 
_diffrn_detector.detector                     CCD 
_diffrn_detector.diffrn_id                    1 
_diffrn_detector.type                         'RIGAKU SATURN 92' 
_diffrn_detector.area_resol_mean              ? 
_diffrn_detector.dtime                        ? 
_diffrn_detector.pdbx_frames_total            ? 
_diffrn_detector.pdbx_collection_time_total   ? 
_diffrn_detector.pdbx_collection_date         2015-08-29 
# 
_diffrn_radiation.collimation                      ? 
_diffrn_radiation.diffrn_id                        1 
_diffrn_radiation.filter_edge                      ? 
_diffrn_radiation.inhomogeneity                    ? 
_diffrn_radiation.monochromator                    Cu 
_diffrn_radiation.polarisn_norm                    ? 
_diffrn_radiation.polarisn_ratio                   ? 
_diffrn_radiation.probe                            ? 
_diffrn_radiation.type                             ? 
_diffrn_radiation.xray_symbol                      ? 
_diffrn_radiation.wavelength_id                    1 
_diffrn_radiation.pdbx_monochromatic_or_laue_m_l   M 
_diffrn_radiation.pdbx_wavelength_list             ? 
_diffrn_radiation.pdbx_wavelength                  ? 
_diffrn_radiation.pdbx_diffrn_protocol             'SINGLE WAVELENGTH' 
_diffrn_radiation.pdbx_analyzer                    ? 
_diffrn_radiation.pdbx_scattering_type             x-ray 
# 
_diffrn_radiation_wavelength.id           1 
_diffrn_radiation_wavelength.wavelength   1.54 
_diffrn_radiation_wavelength.wt           1.0 
# 
_diffrn_source.current                     ? 
_diffrn_source.details                     ? 
_diffrn_source.diffrn_id                   1 
_diffrn_source.power                       ? 
_diffrn_source.size                        ? 
_diffrn_source.source                      'ROTATING ANODE' 
_diffrn_source.target                      ? 
_diffrn_source.type                        'RIGAKU MICROMAX-003' 
_diffrn_source.voltage                     ? 
_diffrn_source.take-off_angle              ? 
_diffrn_source.pdbx_wavelength_list        1.54 
_diffrn_source.pdbx_wavelength             ? 
_diffrn_source.pdbx_synchrotron_beamline   ? 
_diffrn_source.pdbx_synchrotron_site       ? 
# 
_reflns.B_iso_Wilson_estimate            ? 
_reflns.entry_id                         5HPP 
_reflns.data_reduction_details           ? 
_reflns.data_reduction_method            ? 
_reflns.d_resolution_high                2.082 
_reflns.d_resolution_low                 21.15 
_reflns.details                          ? 
_reflns.limit_h_max                      ? 
_reflns.limit_h_min                      ? 
_reflns.limit_k_max                      ? 
_reflns.limit_k_min                      ? 
_reflns.limit_l_max                      ? 
_reflns.limit_l_min                      ? 
_reflns.number_all                       ? 
_reflns.number_obs                       2053 
_reflns.observed_criterion               ? 
_reflns.observed_criterion_F_max         ? 
_reflns.observed_criterion_F_min         ? 
_reflns.observed_criterion_I_max         ? 
_reflns.observed_criterion_I_min         ? 
_reflns.observed_criterion_sigma_F       ? 
_reflns.observed_criterion_sigma_I       ? 
_reflns.percent_possible_obs             100 
_reflns.R_free_details                   ? 
_reflns.Rmerge_F_all                     ? 
_reflns.Rmerge_F_obs                     ? 
_reflns.Friedel_coverage                 ? 
_reflns.number_gt                        ? 
_reflns.threshold_expression             ? 
_reflns.pdbx_redundancy                  2.0 
_reflns.pdbx_Rmerge_I_obs                0.04945 
_reflns.pdbx_Rmerge_I_all                ? 
_reflns.pdbx_Rsym_value                  ? 
_reflns.pdbx_netI_over_av_sigmaI         13.92 
_reflns.pdbx_netI_over_sigmaI            13.92 
_reflns.pdbx_res_netI_over_av_sigmaI_2   ? 
_reflns.pdbx_res_netI_over_sigmaI_2      ? 
_reflns.pdbx_chi_squared                 ? 
_reflns.pdbx_scaling_rejects             ? 
_reflns.pdbx_d_res_high_opt              ? 
_reflns.pdbx_d_res_low_opt               ? 
_reflns.pdbx_d_res_opt_method            ? 
_reflns.phase_calculation_details        ? 
_reflns.pdbx_Rrim_I_all                  ? 
_reflns.pdbx_Rpim_I_all                  ? 
_reflns.pdbx_d_opt                       ? 
_reflns.pdbx_number_measured_all         ? 
_reflns.pdbx_diffrn_id                   1 
_reflns.pdbx_ordinal                     1 
_reflns.pdbx_CC_half                     0.994 
_reflns.pdbx_R_split                     ? 
# 
_reflns_shell.d_res_high                  2.082 
_reflns_shell.d_res_low                   2.157 
_reflns_shell.meanI_over_sigI_all         ? 
_reflns_shell.meanI_over_sigI_obs         5.49 
_reflns_shell.number_measured_all         ? 
_reflns_shell.number_measured_obs         ? 
_reflns_shell.number_possible             ? 
_reflns_shell.number_unique_all           ? 
_reflns_shell.number_unique_obs           ? 
_reflns_shell.percent_possible_all        100 
_reflns_shell.percent_possible_obs        ? 
_reflns_shell.Rmerge_F_all                ? 
_reflns_shell.Rmerge_F_obs                ? 
_reflns_shell.Rmerge_I_all                ? 
_reflns_shell.Rmerge_I_obs                0.1101 
_reflns_shell.meanI_over_sigI_gt          ? 
_reflns_shell.meanI_over_uI_all           ? 
_reflns_shell.meanI_over_uI_gt            ? 
_reflns_shell.number_measured_gt          ? 
_reflns_shell.number_unique_gt            ? 
_reflns_shell.percent_possible_gt         ? 
_reflns_shell.Rmerge_F_gt                 ? 
_reflns_shell.Rmerge_I_gt                 ? 
_reflns_shell.pdbx_redundancy             2.0 
_reflns_shell.pdbx_Rsym_value             ? 
_reflns_shell.pdbx_chi_squared            ? 
_reflns_shell.pdbx_netI_over_sigmaI_all   ? 
_reflns_shell.pdbx_netI_over_sigmaI_obs   ? 
_reflns_shell.pdbx_Rrim_I_all             ? 
_reflns_shell.pdbx_Rpim_I_all             ? 
_reflns_shell.pdbx_rejects                ? 
_reflns_shell.pdbx_ordinal                1 
_reflns_shell.pdbx_diffrn_id              1 
_reflns_shell.pdbx_CC_half                ? 
_reflns_shell.pdbx_R_split                ? 
# 
_refine.aniso_B[1][1]                            ? 
_refine.aniso_B[1][2]                            ? 
_refine.aniso_B[1][3]                            ? 
_refine.aniso_B[2][2]                            ? 
_refine.aniso_B[2][3]                            ? 
_refine.aniso_B[3][3]                            ? 
_refine.B_iso_max                                ? 
_refine.B_iso_mean                               ? 
_refine.B_iso_min                                ? 
_refine.correlation_coeff_Fo_to_Fc               ? 
_refine.correlation_coeff_Fo_to_Fc_free          ? 
_refine.details                                  ? 
_refine.diff_density_max                         ? 
_refine.diff_density_max_esd                     ? 
_refine.diff_density_min                         ? 
_refine.diff_density_min_esd                     ? 
_refine.diff_density_rms                         ? 
_refine.diff_density_rms_esd                     ? 
_refine.entry_id                                 5HPP 
_refine.pdbx_refine_id                           'X-RAY DIFFRACTION' 
_refine.ls_abs_structure_details                 ? 
_refine.ls_abs_structure_Flack                   ? 
_refine.ls_abs_structure_Flack_esd               ? 
_refine.ls_abs_structure_Rogers                  ? 
_refine.ls_abs_structure_Rogers_esd              ? 
_refine.ls_d_res_high                            2.082 
_refine.ls_d_res_low                             21.150 
_refine.ls_extinction_coef                       ? 
_refine.ls_extinction_coef_esd                   ? 
_refine.ls_extinction_expression                 ? 
_refine.ls_extinction_method                     ? 
_refine.ls_goodness_of_fit_all                   ? 
_refine.ls_goodness_of_fit_all_esd               ? 
_refine.ls_goodness_of_fit_obs                   ? 
_refine.ls_goodness_of_fit_obs_esd               ? 
_refine.ls_hydrogen_treatment                    ? 
_refine.ls_matrix_type                           ? 
_refine.ls_number_constraints                    ? 
_refine.ls_number_parameters                     ? 
_refine.ls_number_reflns_all                     ? 
_refine.ls_number_reflns_obs                     1700 
_refine.ls_number_reflns_R_free                  172 
_refine.ls_number_reflns_R_work                  ? 
_refine.ls_number_restraints                     ? 
_refine.ls_percent_reflns_obs                    99.94 
_refine.ls_percent_reflns_R_free                 10.12 
_refine.ls_R_factor_all                          ? 
_refine.ls_R_factor_obs                          0.1620 
_refine.ls_R_factor_R_free                       0.1839 
_refine.ls_R_factor_R_free_error                 ? 
_refine.ls_R_factor_R_free_error_details         ? 
_refine.ls_R_factor_R_work                       0.1593 
_refine.ls_R_Fsqd_factor_obs                     ? 
_refine.ls_R_I_factor_obs                        ? 
_refine.ls_redundancy_reflns_all                 ? 
_refine.ls_redundancy_reflns_obs                 ? 
_refine.ls_restrained_S_all                      ? 
_refine.ls_restrained_S_obs                      ? 
_refine.ls_shift_over_esd_max                    ? 
_refine.ls_shift_over_esd_mean                   ? 
_refine.ls_structure_factor_coef                 ? 
_refine.ls_weighting_details                     ? 
_refine.ls_weighting_scheme                      ? 
_refine.ls_wR_factor_all                         ? 
_refine.ls_wR_factor_obs                         ? 
_refine.ls_wR_factor_R_free                      ? 
_refine.ls_wR_factor_R_work                      ? 
_refine.occupancy_max                            ? 
_refine.occupancy_min                            ? 
_refine.solvent_model_details                    ? 
_refine.solvent_model_param_bsol                 ? 
_refine.solvent_model_param_ksol                 ? 
_refine.ls_R_factor_gt                           ? 
_refine.ls_goodness_of_fit_gt                    ? 
_refine.ls_goodness_of_fit_ref                   ? 
_refine.ls_shift_over_su_max                     ? 
_refine.ls_shift_over_su_max_lt                  ? 
_refine.ls_shift_over_su_mean                    ? 
_refine.ls_shift_over_su_mean_lt                 ? 
_refine.pdbx_ls_sigma_I                          ? 
_refine.pdbx_ls_sigma_F                          1.39 
_refine.pdbx_ls_sigma_Fsqd                       ? 
_refine.pdbx_data_cutoff_high_absF               ? 
_refine.pdbx_data_cutoff_high_rms_absF           ? 
_refine.pdbx_data_cutoff_low_absF                ? 
_refine.pdbx_isotropic_thermal_model             ? 
_refine.pdbx_ls_cross_valid_method               'FREE R-VALUE' 
_refine.pdbx_method_to_determine_struct          SAD 
_refine.pdbx_starting_model                      ? 
_refine.pdbx_stereochemistry_target_values       ? 
_refine.pdbx_R_Free_selection_details            ? 
_refine.pdbx_stereochem_target_val_spec_case     ? 
_refine.pdbx_overall_ESU_R                       ? 
_refine.pdbx_overall_ESU_R_Free                  ? 
_refine.pdbx_solvent_vdw_probe_radii             1.11 
_refine.pdbx_solvent_ion_probe_radii             ? 
_refine.pdbx_solvent_shrinkage_radii             0.90 
_refine.pdbx_real_space_R                        ? 
_refine.pdbx_density_correlation                 ? 
_refine.pdbx_pd_number_of_powder_patterns        ? 
_refine.pdbx_pd_number_of_points                 ? 
_refine.pdbx_pd_meas_number_of_points            ? 
_refine.pdbx_pd_proc_ls_prof_R_factor            ? 
_refine.pdbx_pd_proc_ls_prof_wR_factor           ? 
_refine.pdbx_pd_Marquardt_correlation_coeff      ? 
_refine.pdbx_pd_Fsqrd_R_factor                   ? 
_refine.pdbx_pd_ls_matrix_band_width             ? 
_refine.pdbx_overall_phase_error                 10.23 
_refine.pdbx_overall_SU_R_free_Cruickshank_DPI   ? 
_refine.pdbx_overall_SU_R_free_Blow_DPI          ? 
_refine.pdbx_overall_SU_R_Blow_DPI               ? 
_refine.pdbx_TLS_residual_ADP_flag               ? 
_refine.pdbx_diffrn_id                           1 
_refine.overall_SU_B                             ? 
_refine.overall_SU_ML                            ? 
_refine.overall_SU_R_Cruickshank_DPI             ? 
_refine.overall_SU_R_free                        ? 
_refine.overall_FOM_free_R_set                   ? 
_refine.overall_FOM_work_R_set                   ? 
_refine.pdbx_average_fsc_overall                 ? 
_refine.pdbx_average_fsc_work                    ? 
_refine.pdbx_average_fsc_free                    ? 
# 
_refine_hist.pdbx_refine_id                   'X-RAY DIFFRACTION' 
_refine_hist.cycle_id                         LAST 
_refine_hist.pdbx_number_atoms_protein        114 
_refine_hist.pdbx_number_atoms_nucleic_acid   0 
_refine_hist.pdbx_number_atoms_ligand         1 
_refine_hist.number_atoms_solvent             14 
_refine_hist.number_atoms_total               129 
_refine_hist.d_res_high                       2.082 
_refine_hist.d_res_low                        21.150 
# 
loop_
_refine_ls_restr.pdbx_refine_id 
_refine_ls_restr.criterion 
_refine_ls_restr.dev_ideal 
_refine_ls_restr.dev_ideal_target 
_refine_ls_restr.number 
_refine_ls_restr.rejects 
_refine_ls_restr.type 
_refine_ls_restr.weight 
_refine_ls_restr.pdbx_restraint_function 
'X-RAY DIFFRACTION' ? 0.006  ? 115 ? f_bond_d           ? ? 
'X-RAY DIFFRACTION' ? 0.971  ? 155 ? f_angle_d          ? ? 
'X-RAY DIFFRACTION' ? 27.281 ? 78  ? f_dihedral_angle_d ? ? 
'X-RAY DIFFRACTION' ? 0.047  ? 23  ? f_chiral_restr     ? ? 
'X-RAY DIFFRACTION' ? 0.004  ? 17  ? f_plane_restr      ? ? 
# 
_refine_ls_shell.pdbx_refine_id                   'X-RAY DIFFRACTION' 
_refine_ls_shell.d_res_high                       2.0818 
_refine_ls_shell.d_res_low                        21.150 
_refine_ls_shell.number_reflns_all                ? 
_refine_ls_shell.number_reflns_obs                ? 
_refine_ls_shell.number_reflns_R_free             172 
_refine_ls_shell.number_reflns_R_work             1528 
_refine_ls_shell.percent_reflns_obs               100.00 
_refine_ls_shell.percent_reflns_R_free            ? 
_refine_ls_shell.R_factor_all                     ? 
_refine_ls_shell.R_factor_obs                     ? 
_refine_ls_shell.R_factor_R_free                  0.1839 
_refine_ls_shell.R_factor_R_free_error            ? 
_refine_ls_shell.R_factor_R_work                  0.1593 
_refine_ls_shell.redundancy_reflns_all            ? 
_refine_ls_shell.redundancy_reflns_obs            ? 
_refine_ls_shell.wR_factor_all                    ? 
_refine_ls_shell.wR_factor_obs                    ? 
_refine_ls_shell.wR_factor_R_free                 ? 
_refine_ls_shell.wR_factor_R_work                 ? 
_refine_ls_shell.pdbx_total_number_of_bins_used   ? 
_refine_ls_shell.pdbx_phase_error                 ? 
_refine_ls_shell.pdbx_fsc_work                    ? 
_refine_ls_shell.pdbx_fsc_free                    ? 
# 
_struct.entry_id                     5HPP 
_struct.title                        
'Crystal structure of a macrocyclic beta-sheet peptide derived from transthyretin (106-121) - (ORN)TIA(MAA)LLS(ORN)S(PHI)STTAV' 
_struct.pdbx_model_details           ? 
_struct.pdbx_formula_weight          ? 
_struct.pdbx_formula_weight_method   ? 
_struct.pdbx_model_type_details      ? 
_struct.pdbx_CASP_flag               ? 
# 
_struct_keywords.entry_id        5HPP 
_struct_keywords.text            'beta-hairpin, nanotube assembly, DE NOVO PROTEIN' 
_struct_keywords.pdbx_keywords   'DE NOVO PROTEIN' 
# 
loop_
_struct_asym.id 
_struct_asym.pdbx_blank_PDB_chainid_flag 
_struct_asym.pdbx_modified 
_struct_asym.entity_id 
_struct_asym.details 
A N N 1 ? 
B N N 2 ? 
C N N 3 ? 
# 
_struct_ref.id                         1 
_struct_ref.db_name                    PDB 
_struct_ref.db_code                    5HPP 
_struct_ref.pdbx_db_accession          5HPP 
_struct_ref.pdbx_db_isoform            ? 
_struct_ref.entity_id                  1 
_struct_ref.pdbx_seq_one_letter_code   ? 
_struct_ref.pdbx_align_begin           1 
# 
_struct_ref_seq.align_id                      1 
_struct_ref_seq.ref_id                        1 
_struct_ref_seq.pdbx_PDB_id_code              5HPP 
_struct_ref_seq.pdbx_strand_id                A 
_struct_ref_seq.seq_align_beg                 1 
_struct_ref_seq.pdbx_seq_align_beg_ins_code   ? 
_struct_ref_seq.seq_align_end                 16 
_struct_ref_seq.pdbx_seq_align_end_ins_code   ? 
_struct_ref_seq.pdbx_db_accession             5HPP 
_struct_ref_seq.db_align_beg                  1 
_struct_ref_seq.pdbx_db_align_beg_ins_code    ? 
_struct_ref_seq.db_align_end                  16 
_struct_ref_seq.pdbx_db_align_end_ins_code    ? 
_struct_ref_seq.pdbx_auth_seq_align_beg       1 
_struct_ref_seq.pdbx_auth_seq_align_end       16 
# 
_pdbx_struct_assembly.id                   1 
_pdbx_struct_assembly.details              software_defined_assembly 
_pdbx_struct_assembly.method_details       PISA 
_pdbx_struct_assembly.oligomeric_details   dimeric 
_pdbx_struct_assembly.oligomeric_count     2 
# 
loop_
_pdbx_struct_assembly_prop.biol_id 
_pdbx_struct_assembly_prop.type 
_pdbx_struct_assembly_prop.value 
_pdbx_struct_assembly_prop.details 
1 'ABSA (A^2)' 410  ? 
1 MORE         -12  ? 
1 'SSA (A^2)'  3210 ? 
# 
_pdbx_struct_assembly_gen.assembly_id       1 
_pdbx_struct_assembly_gen.oper_expression   1,2 
_pdbx_struct_assembly_gen.asym_id_list      A,B,C 
# 
loop_
_pdbx_struct_oper_list.id 
_pdbx_struct_oper_list.type 
_pdbx_struct_oper_list.name 
_pdbx_struct_oper_list.symmetry_operation 
_pdbx_struct_oper_list.matrix[1][1] 
_pdbx_struct_oper_list.matrix[1][2] 
_pdbx_struct_oper_list.matrix[1][3] 
_pdbx_struct_oper_list.vector[1] 
_pdbx_struct_oper_list.matrix[2][1] 
_pdbx_struct_oper_list.matrix[2][2] 
_pdbx_struct_oper_list.matrix[2][3] 
_pdbx_struct_oper_list.vector[2] 
_pdbx_struct_oper_list.matrix[3][1] 
_pdbx_struct_oper_list.matrix[3][2] 
_pdbx_struct_oper_list.matrix[3][3] 
_pdbx_struct_oper_list.vector[3] 
1 'identity operation'         1_555 x,y,z    1.0000000000  0.0000000000  0.0000000000 0.0000000000  0.0000000000  1.0000000000 0.0000000000  0.0000000000  0.0000000000 0.0000000000  1.0000000000  0.0000000000  
2 'crystal symmetry operation' 7_556 y,x,-z+1 -0.5951745861 -0.7761694452 0.2081542802 -8.3007047271 -0.7761694452 0.4881452276 -0.3990930081 -4.7550623414 0.2081542802 -0.3990930081 -0.8929706415 -1.5872739793 
# 
loop_
_struct_conn.id 
_struct_conn.conn_type_id 
_struct_conn.pdbx_leaving_atom_flag 
_struct_conn.pdbx_PDB_id 
_struct_conn.ptnr1_label_asym_id 
_struct_conn.ptnr1_label_comp_id 
_struct_conn.ptnr1_label_seq_id 
_struct_conn.ptnr1_label_atom_id 
_struct_conn.pdbx_ptnr1_label_alt_id 
_struct_conn.pdbx_ptnr1_PDB_ins_code 
_struct_conn.pdbx_ptnr1_standard_comp_id 
_struct_conn.ptnr1_symmetry 
_struct_conn.ptnr2_label_asym_id 
_struct_conn.ptnr2_label_comp_id 
_struct_conn.ptnr2_label_seq_id 
_struct_conn.ptnr2_label_atom_id 
_struct_conn.pdbx_ptnr2_label_alt_id 
_struct_conn.pdbx_ptnr2_PDB_ins_code 
_struct_conn.ptnr1_auth_asym_id 
_struct_conn.ptnr1_auth_comp_id 
_struct_conn.ptnr1_auth_seq_id 
_struct_conn.ptnr2_auth_asym_id 
_struct_conn.ptnr2_auth_comp_id 
_struct_conn.ptnr2_auth_seq_id 
_struct_conn.ptnr2_symmetry 
_struct_conn.pdbx_ptnr3_label_atom_id 
_struct_conn.pdbx_ptnr3_label_seq_id 
_struct_conn.pdbx_ptnr3_label_comp_id 
_struct_conn.pdbx_ptnr3_label_asym_id 
_struct_conn.pdbx_ptnr3_label_alt_id 
_struct_conn.pdbx_ptnr3_PDB_ins_code 
_struct_conn.details 
_struct_conn.pdbx_dist_value 
_struct_conn.pdbx_value_order 
_struct_conn.pdbx_role 
covale1 covale both ? A ORN 1  C  ? ? ? 1_555 A THR 2  N  ? ? A ORN 1  A THR 2  1_555 ? ? ? ? ? ? ? 1.373 ? ? 
covale2 covale both ? A ORN 1  NE ? ? ? 1_555 A VAL 16 C  ? ? A ORN 1  A VAL 16 1_555 ? ? ? ? ? ? ? 1.377 ? ? 
covale3 covale both ? A ALA 4  C  ? ? ? 1_555 A MAA 5  N  ? ? A ALA 4  A MAA 5  1_555 ? ? ? ? ? ? ? 1.335 ? ? 
covale4 covale both ? A MAA 5  C  ? ? ? 1_555 A LEU 6  N  ? ? A MAA 5  A LEU 6  1_555 ? ? ? ? ? ? ? 1.330 ? ? 
covale5 covale both ? A SER 8  C  ? ? ? 1_555 A ORN 9  NE ? ? A SER 8  A ORN 9  1_555 ? ? ? ? ? ? ? 1.377 ? ? 
covale6 covale both ? A ORN 9  C  ? ? ? 1_555 A SER 10 N  ? ? A ORN 9  A SER 10 1_555 ? ? ? ? ? ? ? 1.370 ? ? 
covale7 covale both ? A SER 10 C  ? ? ? 1_555 A PHI 11 N  ? ? A SER 10 A PHI 11 1_555 ? ? ? ? ? ? ? 1.285 ? ? 
covale8 covale both ? A PHI 11 C  ? ? ? 1_555 A SER 12 N  ? ? A PHI 11 A SER 12 1_555 ? ? ? ? ? ? ? 1.327 ? ? 
# 
_struct_conn_type.id          covale 
_struct_conn_type.criteria    ? 
_struct_conn_type.reference   ? 
# 
loop_
_pdbx_modification_feature.ordinal 
_pdbx_modification_feature.label_comp_id 
_pdbx_modification_feature.label_asym_id 
_pdbx_modification_feature.label_seq_id 
_pdbx_modification_feature.label_alt_id 
_pdbx_modification_feature.modified_residue_label_comp_id 
_pdbx_modification_feature.modified_residue_label_asym_id 
_pdbx_modification_feature.modified_residue_label_seq_id 
_pdbx_modification_feature.modified_residue_label_alt_id 
_pdbx_modification_feature.auth_comp_id 
_pdbx_modification_feature.auth_asym_id 
_pdbx_modification_feature.auth_seq_id 
_pdbx_modification_feature.PDB_ins_code 
_pdbx_modification_feature.symmetry 
_pdbx_modification_feature.modified_residue_auth_comp_id 
_pdbx_modification_feature.modified_residue_auth_asym_id 
_pdbx_modification_feature.modified_residue_auth_seq_id 
_pdbx_modification_feature.modified_residue_PDB_ins_code 
_pdbx_modification_feature.modified_residue_symmetry 
_pdbx_modification_feature.comp_id_linking_atom 
_pdbx_modification_feature.modified_residue_id_linking_atom 
_pdbx_modification_feature.modified_residue_id 
_pdbx_modification_feature.ref_pcm_id 
_pdbx_modification_feature.ref_comp_id 
_pdbx_modification_feature.type 
_pdbx_modification_feature.category 
1 ORN A 1  ? .   . .  . ORN A 1  ? 1_555 .   . .  . .     .  .  ?   1 ORN Ornithine   'Named protein modification' 
2 MAA A 5  ? .   . .  . MAA A 5  ? 1_555 .   . .  . .     .  .  ALA 1 MAA Methylation 'Named protein modification' 
3 ORN A 9  ? .   . .  . ORN A 9  ? 1_555 .   . .  . .     .  .  ?   1 ORN Ornithine   'Named protein modification' 
4 PHI A 11 ? .   . .  . PHI A 11 ? 1_555 .   . .  . .     .  .  PHE 1 PHI Iodination  'Named protein modification' 
5 ORN A 1  ? VAL A 16 ? ORN A 1  ? 1_555 VAL A 16 ? 1_555 NE C  .   . .   None        'Non-standard linkage'       
6 SER A 8  ? ORN A 9  ? SER A 8  ? 1_555 ORN A 9  ? 1_555 C  NE .   . .   None        'Non-standard linkage'       
# 
_struct_sheet.id               AA1 
_struct_sheet.type             ? 
_struct_sheet.number_strands   2 
_struct_sheet.details          ? 
# 
_struct_sheet_order.sheet_id     AA1 
_struct_sheet_order.range_id_1   1 
_struct_sheet_order.range_id_2   2 
_struct_sheet_order.offset       ? 
_struct_sheet_order.sense        anti-parallel 
# 
loop_
_struct_sheet_range.sheet_id 
_struct_sheet_range.id 
_struct_sheet_range.beg_label_comp_id 
_struct_sheet_range.beg_label_asym_id 
_struct_sheet_range.beg_label_seq_id 
_struct_sheet_range.pdbx_beg_PDB_ins_code 
_struct_sheet_range.end_label_comp_id 
_struct_sheet_range.end_label_asym_id 
_struct_sheet_range.end_label_seq_id 
_struct_sheet_range.pdbx_end_PDB_ins_code 
_struct_sheet_range.beg_auth_comp_id 
_struct_sheet_range.beg_auth_asym_id 
_struct_sheet_range.beg_auth_seq_id 
_struct_sheet_range.end_auth_comp_id 
_struct_sheet_range.end_auth_asym_id 
_struct_sheet_range.end_auth_seq_id 
AA1 1 THR A 2  ? LEU A 7  ? THR A 2  LEU A 7  
AA1 2 PHI A 11 ? VAL A 16 ? PHI A 11 VAL A 16 
# 
_pdbx_struct_sheet_hbond.sheet_id                AA1 
_pdbx_struct_sheet_hbond.range_id_1              1 
_pdbx_struct_sheet_hbond.range_id_2              2 
_pdbx_struct_sheet_hbond.range_1_label_atom_id   N 
_pdbx_struct_sheet_hbond.range_1_label_comp_id   LEU 
_pdbx_struct_sheet_hbond.range_1_label_asym_id   A 
_pdbx_struct_sheet_hbond.range_1_label_seq_id    6 
_pdbx_struct_sheet_hbond.range_1_PDB_ins_code    ? 
_pdbx_struct_sheet_hbond.range_1_auth_atom_id    N 
_pdbx_struct_sheet_hbond.range_1_auth_comp_id    LEU 
_pdbx_struct_sheet_hbond.range_1_auth_asym_id    A 
_pdbx_struct_sheet_hbond.range_1_auth_seq_id     6 
_pdbx_struct_sheet_hbond.range_2_label_atom_id   O 
_pdbx_struct_sheet_hbond.range_2_label_comp_id   SER 
_pdbx_struct_sheet_hbond.range_2_label_asym_id   A 
_pdbx_struct_sheet_hbond.range_2_label_seq_id    12 
_pdbx_struct_sheet_hbond.range_2_PDB_ins_code    ? 
_pdbx_struct_sheet_hbond.range_2_auth_atom_id    O 
_pdbx_struct_sheet_hbond.range_2_auth_comp_id    SER 
_pdbx_struct_sheet_hbond.range_2_auth_asym_id    A 
_pdbx_struct_sheet_hbond.range_2_auth_seq_id     12 
# 
loop_
_struct_site.id 
_struct_site.pdbx_evidence_code 
_struct_site.pdbx_auth_asym_id 
_struct_site.pdbx_auth_comp_id 
_struct_site.pdbx_auth_seq_id 
_struct_site.pdbx_auth_ins_code 
_struct_site.pdbx_num_residues 
_struct_site.details 
AC1 Software A ORN 9  ? 10 'binding site for Ligand residues ORN A 9 through SER A 10 bound to SER A 8'   
AC2 Software A PHI 11 ? 8  'binding site for Ligand residues PHI A 11 through SER A 12 bound to SER A 10' 
# 
loop_
_struct_site_gen.id 
_struct_site_gen.site_id 
_struct_site_gen.pdbx_num_res 
_struct_site_gen.label_comp_id 
_struct_site_gen.label_asym_id 
_struct_site_gen.label_seq_id 
_struct_site_gen.pdbx_auth_ins_code 
_struct_site_gen.auth_comp_id 
_struct_site_gen.auth_asym_id 
_struct_site_gen.auth_seq_id 
_struct_site_gen.label_atom_id 
_struct_site_gen.label_alt_id 
_struct_site_gen.symmetry 
_struct_site_gen.details 
1  AC1 10 ORN A 1  ? ORN A 1   . ? 3_645 ? 
2  AC1 10 THR A 2  ? THR A 2   . ? 3_645 ? 
3  AC1 10 ILE A 3  ? ILE A 3   . ? 3_645 ? 
4  AC1 10 LEU A 7  ? LEU A 7   . ? 1_555 ? 
5  AC1 10 SER A 8  ? SER A 8   . ? 1_555 ? 
6  AC1 10 PHI A 11 ? PHI A 11  . ? 1_555 ? 
7  AC1 10 THR A 13 ? THR A 13  . ? 1_556 ? 
8  AC1 10 HOH C .  ? HOH A 201 . ? 1_555 ? 
9  AC1 10 HOH C .  ? HOH A 207 . ? 1_555 ? 
10 AC1 10 HOH C .  ? HOH A 208 . ? 1_555 ? 
11 AC2 8  ORN A 1  ? ORN A 1   . ? 3_645 ? 
12 AC2 8  ILE A 3  ? ILE A 3   . ? 3_645 ? 
13 AC2 8  MAA A 5  ? MAA A 5   . ? 3_644 ? 
14 AC2 8  MAA A 5  ? MAA A 5   . ? 1_555 ? 
15 AC2 8  LEU A 6  ? LEU A 6   . ? 1_555 ? 
16 AC2 8  SER A 10 ? SER A 10  . ? 1_555 ? 
17 AC2 8  THR A 13 ? THR A 13  . ? 1_555 ? 
18 AC2 8  HOH C .  ? HOH A 212 . ? 1_555 ? 
# 
_pdbx_entry_details.entry_id                   5HPP 
_pdbx_entry_details.compound_details           ? 
_pdbx_entry_details.source_details             ? 
_pdbx_entry_details.nonpolymer_details         ? 
_pdbx_entry_details.sequence_details           ? 
_pdbx_entry_details.has_ligand_of_interest     ? 
_pdbx_entry_details.has_protein_modification   Y 
# 
loop_
_pdbx_validate_close_contact.id 
_pdbx_validate_close_contact.PDB_model_num 
_pdbx_validate_close_contact.auth_atom_id_1 
_pdbx_validate_close_contact.auth_asym_id_1 
_pdbx_validate_close_contact.auth_comp_id_1 
_pdbx_validate_close_contact.auth_seq_id_1 
_pdbx_validate_close_contact.PDB_ins_code_1 
_pdbx_validate_close_contact.label_alt_id_1 
_pdbx_validate_close_contact.auth_atom_id_2 
_pdbx_validate_close_contact.auth_asym_id_2 
_pdbx_validate_close_contact.auth_comp_id_2 
_pdbx_validate_close_contact.auth_seq_id_2 
_pdbx_validate_close_contact.PDB_ins_code_2 
_pdbx_validate_close_contact.label_alt_id_2 
_pdbx_validate_close_contact.dist 
1 1 O A HOH 207 ? ? O A HOH 212 ? ? 2.05 
2 1 O A HOH 205 ? ? O A HOH 209 ? ? 2.08 
# 
_pdbx_struct_special_symmetry.id              1 
_pdbx_struct_special_symmetry.PDB_model_num   1 
_pdbx_struct_special_symmetry.auth_asym_id    A 
_pdbx_struct_special_symmetry.auth_comp_id    CL 
_pdbx_struct_special_symmetry.auth_seq_id     101 
_pdbx_struct_special_symmetry.PDB_ins_code    ? 
_pdbx_struct_special_symmetry.label_asym_id   B 
_pdbx_struct_special_symmetry.label_comp_id   CL 
_pdbx_struct_special_symmetry.label_seq_id    . 
# 
_pdbx_refine_tls.pdbx_refine_id   'X-RAY DIFFRACTION' 
_pdbx_refine_tls.id               1 
_pdbx_refine_tls.details          ? 
_pdbx_refine_tls.method           refined 
_pdbx_refine_tls.origin_x         -0.2996 
_pdbx_refine_tls.origin_y         0.1492 
_pdbx_refine_tls.origin_z         -0.3179 
_pdbx_refine_tls.T[1][1]          0.1121 
_pdbx_refine_tls.T[2][2]          0.1330 
_pdbx_refine_tls.T[3][3]          0.1183 
_pdbx_refine_tls.T[1][2]          0.0156 
_pdbx_refine_tls.T[1][3]          -0.0299 
_pdbx_refine_tls.T[2][3]          -0.0102 
_pdbx_refine_tls.L[1][1]          0.7310 
_pdbx_refine_tls.L[2][2]          0.7732 
_pdbx_refine_tls.L[3][3]          5.1073 
_pdbx_refine_tls.L[1][2]          -0.3237 
_pdbx_refine_tls.L[1][3]          1.1173 
_pdbx_refine_tls.L[2][3]          -1.7608 
_pdbx_refine_tls.S[1][1]          0.0987 
_pdbx_refine_tls.S[1][2]          -0.2637 
_pdbx_refine_tls.S[1][3]          -0.0894 
_pdbx_refine_tls.S[2][1]          -0.0359 
_pdbx_refine_tls.S[2][2]          -0.0095 
_pdbx_refine_tls.S[2][3]          -0.0776 
_pdbx_refine_tls.S[3][1]          0.2496 
_pdbx_refine_tls.S[3][2]          0.1516 
_pdbx_refine_tls.S[3][3]          -0.0371 
# 
_pdbx_refine_tls_group.pdbx_refine_id      'X-RAY DIFFRACTION' 
_pdbx_refine_tls_group.id                  1 
_pdbx_refine_tls_group.refine_tls_id       1 
_pdbx_refine_tls_group.beg_auth_asym_id    ? 
_pdbx_refine_tls_group.beg_auth_seq_id     ? 
_pdbx_refine_tls_group.beg_label_asym_id   ? 
_pdbx_refine_tls_group.beg_label_seq_id    ? 
_pdbx_refine_tls_group.end_auth_asym_id    ? 
_pdbx_refine_tls_group.end_auth_seq_id     ? 
_pdbx_refine_tls_group.end_label_asym_id   ? 
_pdbx_refine_tls_group.end_label_seq_id    ? 
_pdbx_refine_tls_group.selection           ? 
_pdbx_refine_tls_group.selection_details   
;chain 'A' and (resid 2 through 16 )
;
# 
loop_
_chem_comp_atom.comp_id 
_chem_comp_atom.atom_id 
_chem_comp_atom.type_symbol 
_chem_comp_atom.pdbx_aromatic_flag 
_chem_comp_atom.pdbx_stereo_config 
_chem_comp_atom.pdbx_ordinal 
ALA N    N  N N 1   
ALA CA   C  N S 2   
ALA C    C  N N 3   
ALA O    O  N N 4   
ALA CB   C  N N 5   
ALA OXT  O  N N 6   
ALA H    H  N N 7   
ALA H2   H  N N 8   
ALA HA   H  N N 9   
ALA HB1  H  N N 10  
ALA HB2  H  N N 11  
ALA HB3  H  N N 12  
ALA HXT  H  N N 13  
CL  CL   CL N N 14  
HOH O    O  N N 15  
HOH H1   H  N N 16  
HOH H2   H  N N 17  
ILE N    N  N N 18  
ILE CA   C  N S 19  
ILE C    C  N N 20  
ILE O    O  N N 21  
ILE CB   C  N S 22  
ILE CG1  C  N N 23  
ILE CG2  C  N N 24  
ILE CD1  C  N N 25  
ILE OXT  O  N N 26  
ILE H    H  N N 27  
ILE H2   H  N N 28  
ILE HA   H  N N 29  
ILE HB   H  N N 30  
ILE HG12 H  N N 31  
ILE HG13 H  N N 32  
ILE HG21 H  N N 33  
ILE HG22 H  N N 34  
ILE HG23 H  N N 35  
ILE HD11 H  N N 36  
ILE HD12 H  N N 37  
ILE HD13 H  N N 38  
ILE HXT  H  N N 39  
LEU N    N  N N 40  
LEU CA   C  N S 41  
LEU C    C  N N 42  
LEU O    O  N N 43  
LEU CB   C  N N 44  
LEU CG   C  N N 45  
LEU CD1  C  N N 46  
LEU CD2  C  N N 47  
LEU OXT  O  N N 48  
LEU H    H  N N 49  
LEU H2   H  N N 50  
LEU HA   H  N N 51  
LEU HB2  H  N N 52  
LEU HB3  H  N N 53  
LEU HG   H  N N 54  
LEU HD11 H  N N 55  
LEU HD12 H  N N 56  
LEU HD13 H  N N 57  
LEU HD21 H  N N 58  
LEU HD22 H  N N 59  
LEU HD23 H  N N 60  
LEU HXT  H  N N 61  
MAA N    N  N N 62  
MAA CM   C  N N 63  
MAA CA   C  N S 64  
MAA CB   C  N N 65  
MAA C    C  N N 66  
MAA O    O  N N 67  
MAA OXT  O  N N 68  
MAA H    H  N N 69  
MAA HM1  H  N N 70  
MAA HM2  H  N N 71  
MAA HM3  H  N N 72  
MAA HA   H  N N 73  
MAA HB1  H  N N 74  
MAA HB2  H  N N 75  
MAA HB3  H  N N 76  
MAA HXT  H  N N 77  
ORN N    N  N N 78  
ORN CA   C  N S 79  
ORN CB   C  N N 80  
ORN CG   C  N N 81  
ORN CD   C  N N 82  
ORN NE   N  N N 83  
ORN C    C  N N 84  
ORN O    O  N N 85  
ORN OXT  O  N N 86  
ORN H    H  N N 87  
ORN H2   H  N N 88  
ORN HA   H  N N 89  
ORN HB2  H  N N 90  
ORN HB3  H  N N 91  
ORN HG2  H  N N 92  
ORN HG3  H  N N 93  
ORN HD2  H  N N 94  
ORN HD3  H  N N 95  
ORN HE1  H  N N 96  
ORN HE2  H  N N 97  
ORN HXT  H  N N 98  
PHI N    N  N N 99  
PHI CA   C  N S 100 
PHI CB   C  N N 101 
PHI CG   C  Y N 102 
PHI CD1  C  Y N 103 
PHI CD2  C  Y N 104 
PHI CE1  C  Y N 105 
PHI CE2  C  Y N 106 
PHI CZ   C  Y N 107 
PHI I    I  N N 108 
PHI C    C  N N 109 
PHI O    O  N N 110 
PHI OXT  O  N N 111 
PHI H    H  N N 112 
PHI H2   H  N N 113 
PHI HA   H  N N 114 
PHI HB2  H  N N 115 
PHI HB3  H  N N 116 
PHI HD1  H  N N 117 
PHI HD2  H  N N 118 
PHI HE1  H  N N 119 
PHI HE2  H  N N 120 
PHI HXT  H  N N 121 
SER N    N  N N 122 
SER CA   C  N S 123 
SER C    C  N N 124 
SER O    O  N N 125 
SER CB   C  N N 126 
SER OG   O  N N 127 
SER OXT  O  N N 128 
SER H    H  N N 129 
SER H2   H  N N 130 
SER HA   H  N N 131 
SER HB2  H  N N 132 
SER HB3  H  N N 133 
SER HG   H  N N 134 
SER HXT  H  N N 135 
THR N    N  N N 136 
THR CA   C  N S 137 
THR C    C  N N 138 
THR O    O  N N 139 
THR CB   C  N R 140 
THR OG1  O  N N 141 
THR CG2  C  N N 142 
THR OXT  O  N N 143 
THR H    H  N N 144 
THR H2   H  N N 145 
THR HA   H  N N 146 
THR HB   H  N N 147 
THR HG1  H  N N 148 
THR HG21 H  N N 149 
THR HG22 H  N N 150 
THR HG23 H  N N 151 
THR HXT  H  N N 152 
VAL N    N  N N 153 
VAL CA   C  N S 154 
VAL C    C  N N 155 
VAL O    O  N N 156 
VAL CB   C  N N 157 
VAL CG1  C  N N 158 
VAL CG2  C  N N 159 
VAL OXT  O  N N 160 
VAL H    H  N N 161 
VAL H2   H  N N 162 
VAL HA   H  N N 163 
VAL HB   H  N N 164 
VAL HG11 H  N N 165 
VAL HG12 H  N N 166 
VAL HG13 H  N N 167 
VAL HG21 H  N N 168 
VAL HG22 H  N N 169 
VAL HG23 H  N N 170 
VAL HXT  H  N N 171 
# 
loop_
_chem_comp_bond.comp_id 
_chem_comp_bond.atom_id_1 
_chem_comp_bond.atom_id_2 
_chem_comp_bond.value_order 
_chem_comp_bond.pdbx_aromatic_flag 
_chem_comp_bond.pdbx_stereo_config 
_chem_comp_bond.pdbx_ordinal 
ALA N   CA   sing N N 1   
ALA N   H    sing N N 2   
ALA N   H2   sing N N 3   
ALA CA  C    sing N N 4   
ALA CA  CB   sing N N 5   
ALA CA  HA   sing N N 6   
ALA C   O    doub N N 7   
ALA C   OXT  sing N N 8   
ALA CB  HB1  sing N N 9   
ALA CB  HB2  sing N N 10  
ALA CB  HB3  sing N N 11  
ALA OXT HXT  sing N N 12  
HOH O   H1   sing N N 13  
HOH O   H2   sing N N 14  
ILE N   CA   sing N N 15  
ILE N   H    sing N N 16  
ILE N   H2   sing N N 17  
ILE CA  C    sing N N 18  
ILE CA  CB   sing N N 19  
ILE CA  HA   sing N N 20  
ILE C   O    doub N N 21  
ILE C   OXT  sing N N 22  
ILE CB  CG1  sing N N 23  
ILE CB  CG2  sing N N 24  
ILE CB  HB   sing N N 25  
ILE CG1 CD1  sing N N 26  
ILE CG1 HG12 sing N N 27  
ILE CG1 HG13 sing N N 28  
ILE CG2 HG21 sing N N 29  
ILE CG2 HG22 sing N N 30  
ILE CG2 HG23 sing N N 31  
ILE CD1 HD11 sing N N 32  
ILE CD1 HD12 sing N N 33  
ILE CD1 HD13 sing N N 34  
ILE OXT HXT  sing N N 35  
LEU N   CA   sing N N 36  
LEU N   H    sing N N 37  
LEU N   H2   sing N N 38  
LEU CA  C    sing N N 39  
LEU CA  CB   sing N N 40  
LEU CA  HA   sing N N 41  
LEU C   O    doub N N 42  
LEU C   OXT  sing N N 43  
LEU CB  CG   sing N N 44  
LEU CB  HB2  sing N N 45  
LEU CB  HB3  sing N N 46  
LEU CG  CD1  sing N N 47  
LEU CG  CD2  sing N N 48  
LEU CG  HG   sing N N 49  
LEU CD1 HD11 sing N N 50  
LEU CD1 HD12 sing N N 51  
LEU CD1 HD13 sing N N 52  
LEU CD2 HD21 sing N N 53  
LEU CD2 HD22 sing N N 54  
LEU CD2 HD23 sing N N 55  
LEU OXT HXT  sing N N 56  
MAA N   CM   sing N N 57  
MAA N   CA   sing N N 58  
MAA N   H    sing N N 59  
MAA CM  HM1  sing N N 60  
MAA CM  HM2  sing N N 61  
MAA CM  HM3  sing N N 62  
MAA CA  CB   sing N N 63  
MAA CA  C    sing N N 64  
MAA CA  HA   sing N N 65  
MAA CB  HB1  sing N N 66  
MAA CB  HB2  sing N N 67  
MAA CB  HB3  sing N N 68  
MAA C   O    doub N N 69  
MAA C   OXT  sing N N 70  
MAA OXT HXT  sing N N 71  
ORN N   CA   sing N N 72  
ORN N   H    sing N N 73  
ORN N   H2   sing N N 74  
ORN CA  CB   sing N N 75  
ORN CA  C    sing N N 76  
ORN CA  HA   sing N N 77  
ORN CB  CG   sing N N 78  
ORN CB  HB2  sing N N 79  
ORN CB  HB3  sing N N 80  
ORN CG  CD   sing N N 81  
ORN CG  HG2  sing N N 82  
ORN CG  HG3  sing N N 83  
ORN CD  NE   sing N N 84  
ORN CD  HD2  sing N N 85  
ORN CD  HD3  sing N N 86  
ORN NE  HE1  sing N N 87  
ORN NE  HE2  sing N N 88  
ORN C   O    doub N N 89  
ORN C   OXT  sing N N 90  
ORN OXT HXT  sing N N 91  
PHI N   CA   sing N N 92  
PHI N   H    sing N N 93  
PHI N   H2   sing N N 94  
PHI CA  CB   sing N N 95  
PHI CA  C    sing N N 96  
PHI CA  HA   sing N N 97  
PHI CB  CG   sing N N 98  
PHI CB  HB2  sing N N 99  
PHI CB  HB3  sing N N 100 
PHI CG  CD1  doub Y N 101 
PHI CG  CD2  sing Y N 102 
PHI CD1 CE1  sing Y N 103 
PHI CD1 HD1  sing N N 104 
PHI CD2 CE2  doub Y N 105 
PHI CD2 HD2  sing N N 106 
PHI CE1 CZ   doub Y N 107 
PHI CE1 HE1  sing N N 108 
PHI CE2 CZ   sing Y N 109 
PHI CE2 HE2  sing N N 110 
PHI CZ  I    sing N N 111 
PHI C   O    doub N N 112 
PHI C   OXT  sing N N 113 
PHI OXT HXT  sing N N 114 
SER N   CA   sing N N 115 
SER N   H    sing N N 116 
SER N   H2   sing N N 117 
SER CA  C    sing N N 118 
SER CA  CB   sing N N 119 
SER CA  HA   sing N N 120 
SER C   O    doub N N 121 
SER C   OXT  sing N N 122 
SER CB  OG   sing N N 123 
SER CB  HB2  sing N N 124 
SER CB  HB3  sing N N 125 
SER OG  HG   sing N N 126 
SER OXT HXT  sing N N 127 
THR N   CA   sing N N 128 
THR N   H    sing N N 129 
THR N   H2   sing N N 130 
THR CA  C    sing N N 131 
THR CA  CB   sing N N 132 
THR CA  HA   sing N N 133 
THR C   O    doub N N 134 
THR C   OXT  sing N N 135 
THR CB  OG1  sing N N 136 
THR CB  CG2  sing N N 137 
THR CB  HB   sing N N 138 
THR OG1 HG1  sing N N 139 
THR CG2 HG21 sing N N 140 
THR CG2 HG22 sing N N 141 
THR CG2 HG23 sing N N 142 
THR OXT HXT  sing N N 143 
VAL N   CA   sing N N 144 
VAL N   H    sing N N 145 
VAL N   H2   sing N N 146 
VAL CA  C    sing N N 147 
VAL CA  CB   sing N N 148 
VAL CA  HA   sing N N 149 
VAL C   O    doub N N 150 
VAL C   OXT  sing N N 151 
VAL CB  CG1  sing N N 152 
VAL CB  CG2  sing N N 153 
VAL CB  HB   sing N N 154 
VAL CG1 HG11 sing N N 155 
VAL CG1 HG12 sing N N 156 
VAL CG1 HG13 sing N N 157 
VAL CG2 HG21 sing N N 158 
VAL CG2 HG22 sing N N 159 
VAL CG2 HG23 sing N N 160 
VAL OXT HXT  sing N N 161 
# 
_pdbx_audit_support.funding_organization   
'National Institutes of Health/National Institute of General Medical Sciences (NIH/NIGMS)' 
_pdbx_audit_support.country                'United States' 
_pdbx_audit_support.grant_number           GM097562 
_pdbx_audit_support.ordinal                1 
# 
_atom_sites.entry_id                    5HPP 
_atom_sites.fract_transf_matrix[1][1]   0.00647318 
_atom_sites.fract_transf_matrix[1][2]   0.02273742 
_atom_sites.fract_transf_matrix[1][3]   -0.00006828 
_atom_sites.fract_transf_matrix[2][1]   -0.02151497 
_atom_sites.fract_transf_matrix[2][2]   0.00610213 
_atom_sites.fract_transf_matrix[2][3]   -0.00766595 
_atom_sites.fract_transf_matrix[3][1]   -0.01906424 
_atom_sites.fract_transf_matrix[3][2]   0.00560152 
_atom_sites.fract_transf_matrix[3][3]   0.05796381 
_atom_sites.fract_transf_vector[1]      0.784751 
_atom_sites.fract_transf_vector[2]      0.623010 
_atom_sites.fract_transf_vector[3]      0.480201 
# 
loop_
_atom_type.symbol 
C  
CL 
H  
I  
N  
O  
# 
loop_
_atom_site.group_PDB 
_atom_site.id 
_atom_site.type_symbol 
_atom_site.label_atom_id 
_atom_site.label_alt_id 
_atom_site.label_comp_id 
_atom_site.label_asym_id 
_atom_site.label_entity_id 
_atom_site.label_seq_id 
_atom_site.pdbx_PDB_ins_code 
_atom_site.Cartn_x 
_atom_site.Cartn_y 
_atom_site.Cartn_z 
_atom_site.occupancy 
_atom_site.B_iso_or_equiv 
_atom_site.pdbx_formal_charge 
_atom_site.auth_seq_id 
_atom_site.auth_comp_id 
_atom_site.auth_asym_id 
_atom_site.auth_atom_id 
_atom_site.pdbx_PDB_model_num 
HETATM 1   N  N    . ORN A 1 1  ? -1.993 6.910  -12.650 1.00 13.84 1 1   ORN A N    1 
HETATM 2   C  CA   . ORN A 1 1  ? -1.966 5.627  -11.912 1.00 11.11 ? 1   ORN A CA   1 
HETATM 3   C  CB   . ORN A 1 1  ? -0.518 5.106  -11.796 1.00 21.96 ? 1   ORN A CB   1 
HETATM 4   C  CG   . ORN A 1 1  ? 0.095  4.601  -13.108 1.00 24.59 ? 1   ORN A CG   1 
HETATM 5   C  CD   . ORN A 1 1  ? -0.555 3.311  -13.639 1.00 24.35 ? 1   ORN A CD   1 
HETATM 6   N  NE   . ORN A 1 1  ? -0.271 2.152  -12.800 1.00 16.64 ? 1   ORN A NE   1 
HETATM 7   C  C    . ORN A 1 1  ? -2.540 5.812  -10.507 1.00 12.41 ? 1   ORN A C    1 
HETATM 8   O  O    . ORN A 1 1  ? -2.764 6.928  -10.041 1.00 10.22 ? 1   ORN A O    1 
HETATM 9   H  H2   . ORN A 1 1  ? -1.850 6.800  -13.657 1.00 16.61 1 1   ORN A H2   1 
HETATM 10  H  H    . ORN A 1 1  ? -2.879 7.413  -12.554 1.00 16.61 1 1   ORN A H    1 
HETATM 11  H  H3   . ORN A 1 1  ? -1.273 7.568  -12.343 1.00 16.61 1 1   ORN A H3   1 
HETATM 12  H  HA   . ORN A 1 1  ? -2.624 4.946  -12.459 1.00 13.33 ? 1   ORN A HA   1 
HETATM 13  H  HB2  . ORN A 1 1  ? 0.130  5.897  -11.393 1.00 26.35 ? 1   ORN A HB2  1 
HETATM 14  H  HB3  . ORN A 1 1  ? -0.534 4.249  -11.109 1.00 26.35 ? 1   ORN A HB3  1 
HETATM 15  H  HG2  . ORN A 1 1  ? 1.160  4.407  -12.942 1.00 29.51 ? 1   ORN A HG2  1 
HETATM 16  H  HG3  . ORN A 1 1  ? -0.002 5.385  -13.868 1.00 29.51 ? 1   ORN A HG3  1 
HETATM 17  H  HD2  . ORN A 1 1  ? -0.156 3.113  -14.639 1.00 29.22 ? 1   ORN A HD2  1 
HETATM 18  H  HD3  . ORN A 1 1  ? -1.638 3.457  -13.682 1.00 29.22 ? 1   ORN A HD3  1 
HETATM 19  H  HE1  . ORN A 1 1  ? 0.520  1.579  -13.087 1.00 19.96 ? 1   ORN A HE1  1 
ATOM   20  N  N    . THR A 1 2  ? -2.785 4.650  -9.818  1.00 20.33 ? 2   THR A N    1 
ATOM   21  C  CA   . THR A 1 2  ? -3.303 4.655  -8.457  1.00 14.87 ? 2   THR A CA   1 
ATOM   22  C  C    . THR A 1 2  ? -2.277 3.975  -7.565  1.00 12.16 ? 2   THR A C    1 
ATOM   23  O  O    . THR A 1 2  ? -1.700 2.953  -7.941  1.00 9.33  ? 2   THR A O    1 
ATOM   24  C  CB   . THR A 1 2  ? -4.655 3.928  -8.328  1.00 9.13  ? 2   THR A CB   1 
ATOM   25  O  OG1  . THR A 1 2  ? -5.601 4.488  -9.247  1.00 12.18 ? 2   THR A OG1  1 
ATOM   26  C  CG2  . THR A 1 2  ? -5.202 4.057  -6.905  1.00 15.14 ? 2   THR A CG2  1 
ATOM   27  H  H    . THR A 1 2  ? -2.622 3.864  -10.125 1.00 24.40 ? 2   THR A H    1 
ATOM   28  H  HA   . THR A 1 2  ? -3.415 5.571  -8.155  1.00 17.85 ? 2   THR A HA   1 
ATOM   29  H  HB   . THR A 1 2  ? -4.534 2.985  -8.525  1.00 10.96 ? 2   THR A HB   1 
ATOM   30  H  HG1  . THR A 1 2  ? -5.713 5.303  -9.082  1.00 14.62 ? 2   THR A HG1  1 
ATOM   31  H  HG21 . THR A 1 2  ? -6.052 3.596  -6.834  1.00 18.17 ? 2   THR A HG21 1 
ATOM   32  H  HG22 . THR A 1 2  ? -4.577 3.666  -6.274  1.00 18.17 ? 2   THR A HG22 1 
ATOM   33  H  HG23 . THR A 1 2  ? -5.330 4.992  -6.683  1.00 18.17 ? 2   THR A HG23 1 
ATOM   34  N  N    . ILE A 1 3  ? -2.035 4.554  -6.395  1.00 14.30 ? 3   ILE A N    1 
ATOM   35  C  CA   . ILE A 1 3  ? -1.126 3.985  -5.411  1.00 12.03 ? 3   ILE A CA   1 
ATOM   36  C  C    . ILE A 1 3  ? -1.862 3.917  -4.084  1.00 12.18 ? 3   ILE A C    1 
ATOM   37  O  O    . ILE A 1 3  ? -2.511 4.888  -3.680  1.00 15.46 ? 3   ILE A O    1 
ATOM   38  C  CB   . ILE A 1 3  ? 0.174  4.801  -5.278  1.00 16.91 ? 3   ILE A CB   1 
ATOM   39  C  CG1  . ILE A 1 3  ? 1.088  4.167  -4.227  1.00 23.77 ? 3   ILE A CG1  1 
ATOM   40  C  CG2  . ILE A 1 3  ? -0.133 6.254  -4.926  1.00 20.54 ? 3   ILE A CG2  1 
ATOM   41  C  CD1  . ILE A 1 3  ? 2.554  4.537  -4.388  1.00 25.73 ? 3   ILE A CD1  1 
ATOM   42  H  H    . ILE A 1 3  ? -2.394 5.294  -6.143  1.00 17.16 ? 3   ILE A H    1 
ATOM   43  H  HA   . ILE A 1 3  ? -0.893 3.081  -5.676  1.00 14.44 ? 3   ILE A HA   1 
ATOM   44  H  HB   . ILE A 1 3  ? 0.633  4.784  -6.133  1.00 20.29 ? 3   ILE A HB   1 
ATOM   45  H  HG12 . ILE A 1 3  ? 0.802  4.460  -3.347  1.00 28.52 ? 3   ILE A HG12 1 
ATOM   46  H  HG13 . ILE A 1 3  ? 1.016  3.201  -4.291  1.00 28.52 ? 3   ILE A HG13 1 
ATOM   47  H  HG21 . ILE A 1 3  ? 0.702  6.742  -4.849  1.00 24.65 ? 3   ILE A HG21 1 
ATOM   48  H  HG22 . ILE A 1 3  ? -0.679 6.640  -5.629  1.00 24.65 ? 3   ILE A HG22 1 
ATOM   49  H  HG23 . ILE A 1 3  ? -0.611 6.280  -4.083  1.00 24.65 ? 3   ILE A HG23 1 
ATOM   50  H  HD11 . ILE A 1 3  ? 3.067  4.101  -3.692  1.00 30.87 ? 3   ILE A HD11 1 
ATOM   51  H  HD12 . ILE A 1 3  ? 2.859  4.240  -5.260  1.00 30.87 ? 3   ILE A HD12 1 
ATOM   52  H  HD13 . ILE A 1 3  ? 2.646  5.500  -4.315  1.00 30.87 ? 3   ILE A HD13 1 
ATOM   53  N  N    . ALA A 1 4  ? -1.773 2.771  -3.420  1.00 16.23 ? 4   ALA A N    1 
ATOM   54  C  CA   . ALA A 1 4  ? -2.465 2.564  -2.159  1.00 24.36 ? 4   ALA A CA   1 
ATOM   55  C  C    . ALA A 1 4  ? -1.493 2.032  -1.108  1.00 20.34 ? 4   ALA A C    1 
ATOM   56  O  O    . ALA A 1 4  ? -0.775 1.068  -1.379  1.00 16.87 ? 4   ALA A O    1 
ATOM   57  C  CB   . ALA A 1 4  ? -3.624 1.599  -2.345  1.00 14.82 ? 4   ALA A CB   1 
ATOM   58  H  H    . ALA A 1 4  ? -1.314 2.093  -3.682  1.00 19.47 ? 4   ALA A H    1 
ATOM   59  H  HA   . ALA A 1 4  ? -2.820 3.411  -1.845  1.00 29.24 ? 4   ALA A HA   1 
ATOM   60  H  HB1  . ALA A 1 4  ? -4.071 1.475  -1.493  1.00 17.79 ? 4   ALA A HB1  1 
ATOM   61  H  HB2  . ALA A 1 4  ? -4.242 1.971  -2.994  1.00 17.79 ? 4   ALA A HB2  1 
ATOM   62  H  HB3  . ALA A 1 4  ? -3.278 0.751  -2.664  1.00 17.79 ? 4   ALA A HB3  1 
HETATM 63  N  N    . MAA A 1 5  ? -1.453 2.640  0.079   1.00 12.90 ? 5   MAA A N    1 
HETATM 64  C  CM   . MAA A 1 5  ? -2.321 3.761  0.453   1.00 11.55 ? 5   MAA A CM   1 
HETATM 65  C  CA   . MAA A 1 5  ? -0.599 2.090  1.164   1.00 9.70  ? 5   MAA A CA   1 
HETATM 66  C  CB   . MAA A 1 5  ? 0.296  3.199  1.760   1.00 13.68 ? 5   MAA A CB   1 
HETATM 67  C  C    . MAA A 1 5  ? -1.455 1.406  2.262   1.00 14.46 ? 5   MAA A C    1 
HETATM 68  O  O    . MAA A 1 5  ? -2.544 1.869  2.588   1.00 16.93 ? 5   MAA A O    1 
HETATM 69  H  HM1  . MAA A 1 5  ? -3.364 3.493  0.235   1.00 13.85 ? 5   MAA A HM1  1 
HETATM 70  H  HM2  . MAA A 1 5  ? -2.202 3.963  1.528   1.00 13.85 ? 5   MAA A HM2  1 
HETATM 71  H  HM3  . MAA A 1 5  ? -2.030 4.654  -0.135  1.00 13.85 ? 5   MAA A HM3  1 
HETATM 72  H  HA   . MAA A 1 5  ? 0.039  1.319  0.736   1.00 11.64 ? 5   MAA A HA   1 
HETATM 73  H  HB1  . MAA A 1 5  ? 0.725  3.788  0.943   1.00 16.41 ? 5   MAA A HB1  1 
HETATM 74  H  HB2  . MAA A 1 5  ? 1.101  2.731  2.348   1.00 16.41 ? 5   MAA A HB2  1 
HETATM 75  H  HB3  . MAA A 1 5  ? -0.315 3.842  2.407   1.00 16.41 ? 5   MAA A HB3  1 
ATOM   76  N  N    . LEU A 1 6  ? -0.939 0.308  2.807   1.00 15.96 ? 6   LEU A N    1 
ATOM   77  C  CA   . LEU A 1 6  ? -1.632 -0.439 3.851   1.00 12.33 ? 6   LEU A CA   1 
ATOM   78  C  C    . LEU A 1 6  ? -0.787 -0.491 5.115   1.00 20.68 ? 6   LEU A C    1 
ATOM   79  O  O    . LEU A 1 6  ? 0.442  -0.528 5.044   1.00 22.37 ? 6   LEU A O    1 
ATOM   80  C  CB   . LEU A 1 6  ? -1.946 -1.862 3.386   1.00 18.42 ? 6   LEU A CB   1 
ATOM   81  C  CG   . LEU A 1 6  ? -2.699 -2.002 2.062   1.00 23.47 ? 6   LEU A CG   1 
ATOM   82  C  CD1  . LEU A 1 6  ? -2.933 -3.467 1.743   1.00 20.74 ? 6   LEU A CD1  1 
ATOM   83  C  CD2  . LEU A 1 6  ? -4.015 -1.256 2.107   1.00 33.63 ? 6   LEU A CD2  1 
ATOM   84  H  H    . LEU A 1 6  ? -0.180 -0.030 2.584   1.00 19.16 ? 6   LEU A H    1 
ATOM   85  H  HA   . LEU A 1 6  ? -2.469 0.004  4.061   1.00 14.80 ? 6   LEU A HA   1 
ATOM   86  H  HB2  . LEU A 1 6  ? -1.108 -2.341 3.291   1.00 22.11 ? 6   LEU A HB2  1 
ATOM   87  H  HB3  . LEU A 1 6  ? -2.484 -2.291 4.070   1.00 22.11 ? 6   LEU A HB3  1 
ATOM   88  H  HG   . LEU A 1 6  ? -2.162 -1.622 1.351   1.00 28.16 ? 6   LEU A HG   1 
ATOM   89  H  HD11 . LEU A 1 6  ? -3.411 -3.533 0.902   1.00 24.89 ? 6   LEU A HD11 1 
ATOM   90  H  HD12 . LEU A 1 6  ? -2.076 -3.915 1.674   1.00 24.89 ? 6   LEU A HD12 1 
ATOM   91  H  HD13 . LEU A 1 6  ? -3.458 -3.864 2.454   1.00 24.89 ? 6   LEU A HD13 1 
ATOM   92  H  HD21 . LEU A 1 6  ? -4.468 -1.364 1.256   1.00 40.35 ? 6   LEU A HD21 1 
ATOM   93  H  HD22 . LEU A 1 6  ? -4.560 -1.622 2.821   1.00 40.35 ? 6   LEU A HD22 1 
ATOM   94  H  HD23 . LEU A 1 6  ? -3.839 -0.316 2.273   1.00 40.35 ? 6   LEU A HD23 1 
ATOM   95  N  N    . LEU A 1 7  ? -1.457 -0.491 6.265   1.00 15.70 ? 7   LEU A N    1 
ATOM   96  C  CA   . LEU A 1 7  ? -0.802 -0.649 7.556   1.00 12.04 ? 7   LEU A CA   1 
ATOM   97  C  C    . LEU A 1 7  ? -1.678 -1.514 8.447   1.00 18.27 ? 7   LEU A C    1 
ATOM   98  O  O    . LEU A 1 7  ? -2.880 -1.260 8.573   1.00 12.77 ? 7   LEU A O    1 
ATOM   99  C  CB   . LEU A 1 7  ? -0.552 0.706  8.231   1.00 12.33 ? 7   LEU A CB   1 
ATOM   100 C  CG   . LEU A 1 7  ? 0.084  0.649  9.625   1.00 23.46 ? 7   LEU A CG   1 
ATOM   101 C  CD1  . LEU A 1 7  ? 1.550  0.265  9.527   1.00 27.47 ? 7   LEU A CD1  1 
ATOM   102 C  CD2  . LEU A 1 7  ? -0.085 1.975  10.359  1.00 21.28 ? 7   LEU A CD2  1 
ATOM   103 H  H    . LEU A 1 7  ? -2.311 -0.401 6.322   1.00 18.84 ? 7   LEU A H    1 
ATOM   104 H  HA   . LEU A 1 7  ? 0.051  -1.095 7.435   1.00 14.44 ? 7   LEU A HA   1 
ATOM   105 H  HB2  . LEU A 1 7  ? 0.039  1.226  7.664   1.00 14.79 ? 7   LEU A HB2  1 
ATOM   106 H  HB3  . LEU A 1 7  ? -1.403 1.165  8.319   1.00 14.79 ? 7   LEU A HB3  1 
ATOM   107 H  HG   . LEU A 1 7  ? -0.367 -0.035 10.145  1.00 28.15 ? 7   LEU A HG   1 
ATOM   108 H  HD11 . LEU A 1 7  ? 1.929  0.237  10.420  1.00 32.96 ? 7   LEU A HD11 1 
ATOM   109 H  HD12 . LEU A 1 7  ? 1.621  -0.607 9.109   1.00 32.96 ? 7   LEU A HD12 1 
ATOM   110 H  HD13 . LEU A 1 7  ? 2.015  0.927  8.992   1.00 32.96 ? 7   LEU A HD13 1 
ATOM   111 H  HD21 . LEU A 1 7  ? 0.327  1.905  11.235  1.00 25.53 ? 7   LEU A HD21 1 
ATOM   112 H  HD22 . LEU A 1 7  ? 0.345  2.677  9.846   1.00 25.53 ? 7   LEU A HD22 1 
ATOM   113 H  HD23 . LEU A 1 7  ? -1.031 2.166  10.453  1.00 25.53 ? 7   LEU A HD23 1 
ATOM   114 N  N    . SER A 1 8  ? -1.075 -2.523 9.067   1.00 20.08 ? 8   SER A N    1 
ATOM   115 C  CA   . SER A 1 8  ? -1.790 -3.388 9.999   1.00 18.72 ? 8   SER A CA   1 
ATOM   116 C  C    . SER A 1 8  ? -0.876 -3.813 11.141  1.00 14.25 ? 8   SER A C    1 
ATOM   117 O  O    . SER A 1 8  ? -0.125 -4.780 11.023  1.00 20.27 ? 8   SER A O    1 
ATOM   118 C  CB   . SER A 1 8  ? -2.342 -4.620 9.280   1.00 23.38 ? 8   SER A CB   1 
ATOM   119 O  OG   . SER A 1 8  ? -3.042 -5.463 10.179  1.00 30.86 ? 8   SER A OG   1 
ATOM   120 H  H    . SER A 1 8  ? -0.247 -2.730 8.964   1.00 24.10 ? 8   SER A H    1 
ATOM   121 H  HA   . SER A 1 8  ? -2.537 -2.898 10.377  1.00 22.47 ? 8   SER A HA   1 
ATOM   122 H  HB2  . SER A 1 8  ? -2.950 -4.331 8.581   1.00 28.06 ? 8   SER A HB2  1 
ATOM   123 H  HB3  . SER A 1 8  ? -1.605 -5.116 8.893   1.00 28.06 ? 8   SER A HB3  1 
ATOM   124 H  HG   . SER A 1 8  ? -2.528 -5.721 10.791  1.00 37.03 ? 8   SER A HG   1 
HETATM 125 N  N    . ORN A 1 9  ? 3.796  -4.235 13.215  1.00 15.76 1 9   ORN A N    1 
HETATM 126 C  CA   . ORN A 1 9  ? 2.728  -4.169 12.195  1.00 15.08 ? 9   ORN A CA   1 
HETATM 127 C  CB   . ORN A 1 9  ? 2.044  -2.786 12.218  1.00 28.10 ? 9   ORN A CB   1 
HETATM 128 C  CG   . ORN A 1 9  ? 1.183  -2.537 13.465  1.00 16.51 ? 9   ORN A CG   1 
HETATM 129 C  CD   . ORN A 1 9  ? -0.140 -3.333 13.462  1.00 18.95 ? 9   ORN A CD   1 
HETATM 130 N  NE   . ORN A 1 9  ? -0.946 -3.046 12.283  1.00 14.49 ? 9   ORN A NE   1 
HETATM 131 C  C    . ORN A 1 9  ? 3.290  -4.414 10.792  1.00 14.90 ? 9   ORN A C    1 
HETATM 132 O  O    . ORN A 1 9  ? 4.471  -4.204 10.514  1.00 24.11 ? 9   ORN A O    1 
HETATM 133 H  H2   . ORN A 1 9  ? 4.399  -3.408 13.223  1.00 18.91 1 9   ORN A H2   1 
HETATM 134 H  H    . ORN A 1 9  ? 4.427  -5.029 13.090  1.00 18.91 1 9   ORN A H    1 
HETATM 135 H  H3   . ORN A 1 9  ? 3.439  -4.318 14.171  1.00 18.91 1 9   ORN A H3   1 
HETATM 136 H  HA   . ORN A 1 9  ? 2.040  -4.988 12.426  1.00 18.10 ? 9   ORN A HA   1 
HETATM 137 H  HB2  . ORN A 1 9  ? 2.801  -1.994 12.151  1.00 33.72 ? 9   ORN A HB2  1 
HETATM 138 H  HB3  . ORN A 1 9  ? 1.368  -2.739 11.353  1.00 33.72 ? 9   ORN A HB3  1 
HETATM 139 H  HG2  . ORN A 1 9  ? 0.946  -1.469 13.522  1.00 19.81 ? 9   ORN A HG2  1 
HETATM 140 H  HG3  . ORN A 1 9  ? 1.762  -2.815 14.354  1.00 19.81 ? 9   ORN A HG3  1 
HETATM 141 H  HD2  . ORN A 1 9  ? 0.093  -4.402 13.480  1.00 22.74 ? 9   ORN A HD2  1 
HETATM 142 H  HD3  . ORN A 1 9  ? -0.716 -3.050 14.348  1.00 22.74 ? 9   ORN A HD3  1 
HETATM 143 H  HE1  . ORN A 1 9  ? -1.575 -2.250 12.366  1.00 17.39 ? 9   ORN A HE1  1 
ATOM   144 N  N    . SER A 1 10 ? 2.383  -4.881 9.878   1.00 14.60 ? 10  SER A N    1 
ATOM   145 C  CA   . SER A 1 10 ? 2.765  -5.128 8.500   1.00 14.50 ? 10  SER A CA   1 
ATOM   146 C  C    . SER A 1 10 ? 2.457  -3.870 7.701   1.00 14.76 ? 10  SER A C    1 
ATOM   147 O  O    . SER A 1 10 ? 1.638  -3.056 8.124   1.00 14.13 ? 10  SER A O    1 
ATOM   148 C  CB   . SER A 1 10 ? 2.017  -6.332 7.926   1.00 14.90 ? 10  SER A CB   1 
ATOM   149 O  OG   . SER A 1 10 ? 0.616  -6.097 7.890   1.00 24.23 ? 10  SER A OG   1 
ATOM   150 H  H    . SER A 1 10 ? 1.552  -5.022 10.045  1.00 17.52 ? 10  SER A H    1 
ATOM   151 H  HA   . SER A 1 10 ? 3.717  -5.302 8.452   1.00 17.40 ? 10  SER A HA   1 
ATOM   152 H  HB2  . SER A 1 10 ? 2.331  -6.497 7.024   1.00 17.88 ? 10  SER A HB2  1 
ATOM   153 H  HB3  . SER A 1 10 ? 2.192  -7.107 8.484   1.00 17.88 ? 10  SER A HB3  1 
ATOM   154 H  HG   . SER A 1 10 ? 0.448  -5.429 7.409   1.00 29.07 ? 10  SER A HG   1 
HETATM 155 N  N    . PHI A 1 11 ? 3.090  -3.704 6.596   1.00 12.77 ? 11  PHI A N    1 
HETATM 156 C  CA   . PHI A 1 11 ? 2.738  -2.495 5.853   1.00 8.37  ? 11  PHI A CA   1 
HETATM 157 C  CB   . PHI A 1 11 ? 3.372  -1.197 6.441   1.00 15.21 ? 11  PHI A CB   1 
HETATM 158 C  CG   . PHI A 1 11 ? 4.859  -1.000 6.042   1.00 14.56 ? 11  PHI A CG   1 
HETATM 159 C  CD1  . PHI A 1 11 ? 5.911  -1.544 6.893   1.00 15.49 ? 11  PHI A CD1  1 
HETATM 160 C  CD2  . PHI A 1 11 ? 5.191  -0.288 4.912   1.00 23.31 ? 11  PHI A CD2  1 
HETATM 161 C  CE1  . PHI A 1 11 ? 7.219  -1.362 6.563   1.00 24.96 ? 11  PHI A CE1  1 
HETATM 162 C  CE2  . PHI A 1 11 ? 6.510  -0.109 4.578   1.00 9.13  ? 11  PHI A CE2  1 
HETATM 163 C  CZ   . PHI A 1 11 ? 7.552  -0.658 5.421   1.00 18.14 ? 11  PHI A CZ   1 
HETATM 164 I  I    . PHI A 1 11 ? 9.593  -0.387 4.915   1.00 19.32 ? 11  PHI A I    1 
HETATM 165 C  C    . PHI A 1 11 ? 3.145  -2.742 4.448   1.00 11.02 ? 11  PHI A C    1 
HETATM 166 O  O    . PHI A 1 11 ? 4.181  -3.461 4.190   1.00 17.09 ? 11  PHI A O    1 
HETATM 167 H  H    . PHI A 1 11 ? 3.727  -4.200 6.108   1.00 15.32 ? 11  PHI A H    1 
HETATM 168 H  HA   . PHI A 1 11 ? 1.778  -2.395 5.877   1.00 10.04 ? 11  PHI A HA   1 
HETATM 169 H  HB2  . PHI A 1 11 ? 3.317  -1.239 7.365   1.00 18.25 ? 11  PHI A HB2  1 
HETATM 170 H  HB3  . PHI A 1 11 ? 2.868  -0.445 6.131   1.00 18.25 ? 11  PHI A HB3  1 
HETATM 171 H  HD1  . PHI A 1 11 ? 5.680  -2.033 7.687   1.00 18.59 ? 11  PHI A HD1  1 
HETATM 172 H  HD2  . PHI A 1 11 ? 4.450  0.102  4.312   1.00 27.98 ? 11  PHI A HD2  1 
HETATM 173 H  HE1  . PHI A 1 11 ? 7.942  -1.745 7.146   1.00 29.95 ? 11  PHI A HE1  1 
HETATM 174 H  HE2  . PHI A 1 11 ? 6.762  0.425  3.714   1.00 10.95 ? 11  PHI A HE2  1 
ATOM   175 N  N    . SER A 1 12 ? 2.378  -2.198 3.511   1.00 14.64 ? 12  SER A N    1 
ATOM   176 C  CA   . SER A 1 12 ? 2.578  -2.483 2.098   1.00 17.83 ? 12  SER A CA   1 
ATOM   177 C  C    . SER A 1 12 ? 2.168  -1.298 1.239   1.00 24.62 ? 12  SER A C    1 
ATOM   178 O  O    . SER A 1 12 ? 1.312  -0.501 1.626   1.00 13.84 ? 12  SER A O    1 
ATOM   179 C  CB   . SER A 1 12 ? 1.775  -3.719 1.686   1.00 12.24 ? 12  SER A CB   1 
ATOM   180 O  OG   . SER A 1 12 ? 1.960  -4.016 0.314   1.00 70.36 ? 12  SER A OG   1 
ATOM   181 H  H    . SER A 1 12 ? 1.730  -1.657 3.670   1.00 17.57 ? 12  SER A H    1 
ATOM   182 H  HA   . SER A 1 12 ? 3.517  -2.664 1.938   1.00 21.40 ? 12  SER A HA   1 
ATOM   183 H  HB2  . SER A 1 12 ? 2.071  -4.476 2.214   1.00 14.69 ? 12  SER A HB2  1 
ATOM   184 H  HB3  . SER A 1 12 ? 0.833  -3.551 1.848   1.00 14.69 ? 12  SER A HB3  1 
ATOM   185 H  HG   . SER A 1 12 ? 1.513  -4.695 0.105   1.00 84.43 ? 12  SER A HG   1 
ATOM   186 N  N    . THR A 1 13 ? 2.789  -1.195 0.068   1.00 13.63 ? 13  THR A N    1 
ATOM   187 C  CA   . THR A 1 13 ? 2.437  -0.194 -0.931  1.00 20.22 ? 13  THR A CA   1 
ATOM   188 C  C    . THR A 1 13 ? 2.229  -0.907 -2.257  1.00 17.07 ? 13  THR A C    1 
ATOM   189 O  O    . THR A 1 13 ? 3.128  -1.608 -2.730  1.00 19.15 ? 13  THR A O    1 
ATOM   190 C  CB   . THR A 1 13 ? 3.530  0.871  -1.059  1.00 30.53 ? 13  THR A CB   1 
ATOM   191 O  OG1  . THR A 1 13 ? 3.687  1.552  0.193   1.00 31.91 ? 13  THR A OG1  1 
ATOM   192 C  CG2  . THR A 1 13 ? 3.181  1.883  -2.141  1.00 28.33 ? 13  THR A CG2  1 
ATOM   193 H  H    . THR A 1 13 ? 3.436  -1.707 -0.176  1.00 16.35 ? 13  THR A H    1 
ATOM   194 H  HA   . THR A 1 13 ? 1.607  0.241  -0.680  1.00 24.26 ? 13  THR A HA   1 
ATOM   195 H  HB   . THR A 1 13 ? 4.367  0.445  -1.299  1.00 36.64 ? 13  THR A HB   1 
ATOM   196 H  HG1  . THR A 1 13 ? 4.285  2.137  0.128   1.00 38.29 ? 13  THR A HG1  1 
ATOM   197 H  HG21 . THR A 1 13 ? 3.882  2.551  -2.210  1.00 34.00 ? 13  THR A HG21 1 
ATOM   198 H  HG22 . THR A 1 13 ? 3.088  1.435  -2.996  1.00 34.00 ? 13  THR A HG22 1 
ATOM   199 H  HG23 . THR A 1 13 ? 2.345  2.326  -1.924  1.00 34.00 ? 13  THR A HG23 1 
ATOM   200 N  N    . THR A 1 14 ? 1.053  -0.726 -2.855  1.00 13.00 ? 14  THR A N    1 
ATOM   201 C  CA   . THR A 1 14 ? 0.717  -1.332 -4.136  1.00 10.54 ? 14  THR A CA   1 
ATOM   202 C  C    . THR A 1 14 ? 0.232  -0.242 -5.082  1.00 12.87 ? 14  THR A C    1 
ATOM   203 O  O    . THR A 1 14 ? -0.504 0.661  -4.672  1.00 13.20 ? 14  THR A O    1 
ATOM   204 C  CB   . THR A 1 14 ? -0.353 -2.423 -3.960  1.00 11.41 ? 14  THR A CB   1 
ATOM   205 O  OG1  . THR A 1 14 ? 0.108  -3.395 -3.015  1.00 18.71 ? 14  THR A OG1  1 
ATOM   206 C  CG2  . THR A 1 14 ? -0.641 -3.125 -5.271  1.00 16.97 ? 14  THR A CG2  1 
ATOM   207 H  H    . THR A 1 14 ? 0.420  -0.243 -2.527  1.00 15.60 ? 14  THR A H    1 
ATOM   208 H  HA   . THR A 1 14 ? 1.510  -1.739 -4.517  1.00 12.65 ? 14  THR A HA   1 
ATOM   209 H  HB   . THR A 1 14 ? -1.176 -2.021 -3.638  1.00 13.69 ? 14  THR A HB   1 
ATOM   210 H  HG1  . THR A 1 14 ? -0.471 -3.995 -2.914  1.00 22.46 ? 14  THR A HG1  1 
ATOM   211 H  HG21 . THR A 1 14 ? -1.317 -3.807 -5.139  1.00 20.36 ? 14  THR A HG21 1 
ATOM   212 H  HG22 . THR A 1 14 ? -0.961 -2.484 -5.926  1.00 20.36 ? 14  THR A HG22 1 
ATOM   213 H  HG23 . THR A 1 14 ? 0.168  -3.542 -5.607  1.00 20.36 ? 14  THR A HG23 1 
ATOM   214 N  N    . ALA A 1 15 ? 0.650  -0.323 -6.346  1.00 13.39 ? 15  ALA A N    1 
ATOM   215 C  CA   . ALA A 1 15 ? 0.396  0.761  -7.283  1.00 19.48 ? 15  ALA A CA   1 
ATOM   216 C  C    . ALA A 1 15 ? 0.298  0.231  -8.706  1.00 14.47 ? 15  ALA A C    1 
ATOM   217 O  O    . ALA A 1 15 ? 0.964  -0.741 -9.072  1.00 13.85 ? 15  ALA A O    1 
ATOM   218 C  CB   . ALA A 1 15 ? 1.497  1.825  -7.205  1.00 18.80 ? 15  ALA A CB   1 
ATOM   219 H  H    . ALA A 1 15 ? 1.077  -0.991 -6.680  1.00 16.06 ? 15  ALA A H    1 
ATOM   220 H  HA   . ALA A 1 15 ? -0.447 1.184  -7.060  1.00 23.37 ? 15  ALA A HA   1 
ATOM   221 H  HB1  . ALA A 1 15 ? 1.299  2.531  -7.841  1.00 22.56 ? 15  ALA A HB1  1 
ATOM   222 H  HB2  . ALA A 1 15 ? 1.523  2.186  -6.307  1.00 22.56 ? 15  ALA A HB2  1 
ATOM   223 H  HB3  . ALA A 1 15 ? 2.348  1.414  -7.423  1.00 22.56 ? 15  ALA A HB3  1 
ATOM   224 N  N    . VAL A 1 16 ? -0.543 0.888  -9.502  1.00 22.20 ? 16  VAL A N    1 
ATOM   225 C  CA   . VAL A 1 16 ? -0.675 0.594  -10.929 1.00 18.48 ? 16  VAL A CA   1 
ATOM   226 C  C    . VAL A 1 16 ? -1.047 1.851  -11.702 1.00 9.68  ? 16  VAL A C    1 
ATOM   227 O  O    . VAL A 1 16 ? -2.020 2.528  -11.365 1.00 12.16 ? 16  VAL A O    1 
ATOM   228 C  CB   . VAL A 1 16 ? -1.738 -0.490 -11.196 1.00 25.77 ? 16  VAL A CB   1 
ATOM   229 C  CG1  . VAL A 1 16 ? -1.807 -0.813 -12.685 1.00 27.23 ? 16  VAL A CG1  1 
ATOM   230 C  CG2  . VAL A 1 16 ? -1.459 -1.737 -10.396 1.00 28.29 ? 16  VAL A CG2  1 
ATOM   231 H  H    . VAL A 1 16 ? -1.058 1.522  -9.234  1.00 26.64 ? 16  VAL A H    1 
ATOM   232 H  HA   . VAL A 1 16 ? 0.176  0.273  -11.267 1.00 22.18 ? 16  VAL A HA   1 
ATOM   233 H  HB   . VAL A 1 16 ? -2.606 -0.150 -10.925 1.00 30.92 ? 16  VAL A HB   1 
ATOM   234 H  HG11 . VAL A 1 16 ? -2.482 -1.496 -12.828 1.00 32.67 ? 16  VAL A HG11 1 
ATOM   235 H  HG12 . VAL A 1 16 ? -2.043 -0.009 -13.172 1.00 32.67 ? 16  VAL A HG12 1 
ATOM   236 H  HG13 . VAL A 1 16 ? -0.941 -1.137 -12.978 1.00 32.67 ? 16  VAL A HG13 1 
ATOM   237 H  HG21 . VAL A 1 16 ? -2.146 -2.395 -10.588 1.00 33.95 ? 16  VAL A HG21 1 
ATOM   238 H  HG22 . VAL A 1 16 ? -0.589 -2.085 -10.646 1.00 33.95 ? 16  VAL A HG22 1 
ATOM   239 H  HG23 . VAL A 1 16 ? -1.468 -1.516 -9.452  1.00 33.95 ? 16  VAL A HG23 1 
HETATM 240 CL CL   . CL  B 2 .  ? -7.239 3.544  -2.382  0.5  64.04 ? 101 CL  A CL   1 
HETATM 241 O  O    . HOH C 3 .  ? 3.657  -3.586 15.628  1.00 24.80 ? 201 HOH A O    1 
HETATM 242 O  O    . HOH C 3 .  ? -0.974 -7.315 11.768  1.00 43.13 ? 202 HOH A O    1 
HETATM 243 O  O    . HOH C 3 .  ? -4.872 -2.479 6.977   1.00 20.80 ? 203 HOH A O    1 
HETATM 244 O  O    . HOH C 3 .  ? -0.230 7.562  -14.807 1.00 17.10 ? 204 HOH A O    1 
HETATM 245 O  O    . HOH C 3 .  ? 5.965  -0.061 0.836   1.00 33.22 ? 205 HOH A O    1 
HETATM 246 O  O    . HOH C 3 .  ? -6.520 7.226  -8.296  1.00 35.75 ? 206 HOH A O    1 
HETATM 247 O  O    . HOH C 3 .  ? -0.472 -4.234 5.735   1.00 26.05 ? 207 HOH A O    1 
HETATM 248 O  O    . HOH C 3 .  ? 3.924  -7.265 12.628  1.00 24.11 ? 208 HOH A O    1 
HETATM 249 O  O    . HOH C 3 .  ? 5.846  -2.115 0.527   1.00 19.31 ? 209 HOH A O    1 
HETATM 250 O  O    . HOH C 3 .  ? -2.886 5.211  -15.305 1.00 19.66 ? 210 HOH A O    1 
HETATM 251 O  O    . HOH C 3 .  ? 4.385  -6.332 0.685   1.00 23.31 ? 211 HOH A O    1 
HETATM 252 O  O    . HOH C 3 .  ? 0.275  -5.020 3.991   1.00 28.62 ? 212 HOH A O    1 
HETATM 253 O  O    . HOH C 3 .  ? -6.591 -5.532 9.718   1.00 26.74 ? 213 HOH A O    1 
HETATM 254 O  O    . HOH C 3 .  ? -1.572 6.996  0.830   1.00 38.48 ? 214 HOH A O    1 
# 
loop_
_atom_site_anisotrop.id 
_atom_site_anisotrop.type_symbol 
_atom_site_anisotrop.pdbx_label_atom_id 
_atom_site_anisotrop.pdbx_label_alt_id 
_atom_site_anisotrop.pdbx_label_comp_id 
_atom_site_anisotrop.pdbx_label_asym_id 
_atom_site_anisotrop.pdbx_label_seq_id 
_atom_site_anisotrop.pdbx_PDB_ins_code 
_atom_site_anisotrop.U[1][1] 
_atom_site_anisotrop.U[2][2] 
_atom_site_anisotrop.U[3][3] 
_atom_site_anisotrop.U[1][2] 
_atom_site_anisotrop.U[1][3] 
_atom_site_anisotrop.U[2][3] 
_atom_site_anisotrop.pdbx_auth_seq_id 
_atom_site_anisotrop.pdbx_auth_comp_id 
_atom_site_anisotrop.pdbx_auth_asym_id 
_atom_site_anisotrop.pdbx_auth_atom_id 
1   N N   . ORN A 1  ? 0.1834 0.1443 0.1982 0.0049  0.0014  -0.0317 1  ORN A N   
2   C CA  . ORN A 1  ? 0.1496 0.1083 0.1640 0.0088  -0.0004 -0.0318 1  ORN A CA  
3   C CB  . ORN A 1  ? 0.2821 0.2482 0.3039 0.0166  -0.0010 -0.0353 1  ORN A CB  
4   C CG  . ORN A 1  ? 0.3177 0.2812 0.3355 0.0257  0.0016  -0.0334 1  ORN A CG  
5   C CD  . ORN A 1  ? 0.3270 0.2706 0.3274 0.0278  0.0018  -0.0275 1  ORN A CD  
6   N NE  . ORN A 1  ? 0.2343 0.1714 0.2263 0.0349  -0.0027 -0.0262 1  ORN A NE  
7   C C   . ORN A 1  ? 0.1646 0.1264 0.1806 0.0066  -0.0025 -0.0340 1  ORN A C   
8   O O   . ORN A 1  ? 0.1364 0.1008 0.1512 0.0039  -0.0019 -0.0362 1  ORN A O   
20  N N   . THR A 2  ? 0.2667 0.2246 0.2811 0.0088  -0.0061 -0.0332 2  THR A N   
21  C CA  . THR A 2  ? 0.1948 0.1617 0.2086 0.0069  -0.0079 -0.0315 2  THR A CA  
22  C C   . THR A 2  ? 0.1579 0.1315 0.1725 0.0096  -0.0104 -0.0302 2  THR A C   
23  O O   . THR A 2  ? 0.1260 0.0923 0.1362 0.0145  -0.0121 -0.0276 2  THR A O   
24  C CB  . THR A 2  ? 0.1243 0.0898 0.1330 0.0032  -0.0107 -0.0243 2  THR A CB  
25  O OG1 . THR A 2  ? 0.1634 0.1273 0.1723 0.0012  -0.0083 -0.0236 2  THR A OG1 
26  C CG2 . THR A 2  ? 0.1947 0.1769 0.2038 0.0028  -0.0114 -0.0213 2  THR A CG2 
34  N N   . ILE A 3  ? 0.1805 0.1657 0.1971 0.0080  -0.0109 -0.0320 3  ILE A N   
35  C CA  . ILE A 3  ? 0.1480 0.1431 0.1659 0.0098  -0.0136 -0.0300 3  ILE A CA  
36  C C   . ILE A 3  ? 0.1490 0.1502 0.1636 0.0081  -0.0155 -0.0284 3  ILE A C   
37  O O   . ILE A 3  ? 0.1912 0.1941 0.2021 0.0073  -0.0140 -0.0314 3  ILE A O   
38  C CB  . ILE A 3  ? 0.2039 0.2115 0.2271 0.0072  -0.0139 -0.0322 3  ILE A CB  
39  C CG1 . ILE A 3  ? 0.2849 0.3077 0.3104 0.0092  -0.0167 -0.0284 3  ILE A CG1 
40  C CG2 . ILE A 3  ? 0.2534 0.2562 0.2708 0.0004  -0.0146 -0.0376 3  ILE A CG2 
41  C CD1 . ILE A 3  ? 0.3004 0.3439 0.3332 0.0072  -0.0175 -0.0254 3  ILE A CD1 
53  N N   . ALA A 4  ? 0.2001 0.2036 0.2128 0.0095  -0.0188 -0.0231 4  ALA A N   
54  C CA  . ALA A 4  ? 0.3008 0.3140 0.3109 0.0075  -0.0208 -0.0194 4  ALA A CA  
55  C C   . ALA A 4  ? 0.2468 0.2682 0.2577 0.0092  -0.0238 -0.0180 4  ALA A C   
56  O O   . ALA A 4  ? 0.2054 0.2209 0.2146 0.0131  -0.0259 -0.0149 4  ALA A O   
57  C CB  . ALA A 4  ? 0.1833 0.1918 0.1881 0.0035  -0.0239 -0.0109 4  ALA A CB  
63  N N   . MAA A 5  ? 0.1487 0.1824 0.1590 0.0082  -0.0241 -0.0200 5  MAA A N   
64  C CM  . MAA A 5  ? 0.1327 0.1687 0.1371 0.0087  -0.0215 -0.0238 5  MAA A CM  
65  C CA  . MAA A 5  ? 0.1044 0.1484 0.1156 0.0089  -0.0274 -0.0175 5  MAA A CA  
66  C CB  . MAA A 5  ? 0.1522 0.2042 0.1631 0.0059  -0.0281 -0.0229 5  MAA A CB  
67  C C   . MAA A 5  ? 0.1637 0.2149 0.1709 0.0080  -0.0298 -0.0113 5  MAA A C   
68  O O   . MAA A 5  ? 0.1940 0.2515 0.1979 0.0076  -0.0280 -0.0104 5  MAA A O   
76  N N   . LEU A 6  ? 0.1825 0.2352 0.1889 0.0089  -0.0338 -0.0058 6  LEU A N   
77  C CA  . LEU A 6  ? 0.1355 0.1956 0.1376 0.0060  -0.0375 0.0019  6  LEU A CA  
78  C C   . LEU A 6  ? 0.2364 0.3098 0.2397 0.0078  -0.0394 0.0017  6  LEU A C   
79  O O   . LEU A 6  ? 0.2562 0.3310 0.2629 0.0113  -0.0397 -0.0006 6  LEU A O   
80  C CB  . LEU A 6  ? 0.2217 0.2637 0.2148 0.0034  -0.0435 0.0108  6  LEU A CB  
81  C CG  . LEU A 6  ? 0.2931 0.3174 0.2812 -0.0004 -0.0440 0.0124  6  LEU A CG  
82  C CD1 . LEU A 6  ? 0.2736 0.2708 0.2436 -0.0051 -0.0532 0.0216  6  LEU A CD1 
83  C CD2 . LEU A 6  ? 0.4143 0.4562 0.4072 -0.0062 -0.0410 0.0150  6  LEU A CD2 
95  N N   . LEU A 7  ? 0.1695 0.2571 0.1701 0.0058  -0.0404 0.0055  7  LEU A N   
96  C CA  . LEU A 7  ? 0.1189 0.2194 0.1192 0.0065  -0.0429 0.0064  7  LEU A CA  
97  C C   . LEU A 7  ? 0.1956 0.3063 0.1921 0.0031  -0.0463 0.0168  7  LEU A C   
98  O O   . LEU A 7  ? 0.1230 0.2448 0.1175 0.0014  -0.0446 0.0209  7  LEU A O   
99  C CB  . LEU A 7  ? 0.1212 0.2293 0.1179 0.0078  -0.0406 -0.0022 7  LEU A CB  
100 C CG  . LEU A 7  ? 0.2589 0.3799 0.2526 0.0072  -0.0440 -0.0015 7  LEU A CG  
101 C CD1 . LEU A 7  ? 0.3063 0.4301 0.3071 0.0059  -0.0471 -0.0005 7  LEU A CD1 
102 C CD2 . LEU A 7  ? 0.2361 0.3565 0.2158 0.0086  -0.0432 -0.0094 7  LEU A CD2 
114 N N   . SER A 8  ? 0.2196 0.3294 0.2141 0.0027  -0.0515 0.0225  8  SER A N   
115 C CA  . SER A 8  ? 0.2007 0.3202 0.1904 -0.0027 -0.0564 0.0340  8  SER A CA  
116 C C   . SER A 8  ? 0.1416 0.2691 0.1309 -0.0001 -0.0595 0.0353  8  SER A C   
117 O O   . SER A 8  ? 0.2243 0.3371 0.2089 0.0024  -0.0642 0.0388  8  SER A O   
118 C CB  . SER A 8  ? 0.2702 0.3681 0.2501 -0.0101 -0.0635 0.0444  8  SER A CB  
119 O OG  . SER A 8  ? 0.3645 0.4690 0.3388 -0.0188 -0.0685 0.0562  8  SER A OG  
125 N N   . ORN A 9  ? 0.1467 0.3051 0.1470 0.0171  -0.0636 0.0322  9  ORN A N   
126 C CA  . ORN A 9  ? 0.1450 0.2863 0.1418 0.0151  -0.0624 0.0306  9  ORN A CA  
127 C CB  . ORN A 9  ? 0.3068 0.4549 0.3060 0.0092  -0.0581 0.0223  9  ORN A CB  
128 C CG  . ORN A 9  ? 0.1581 0.3171 0.1523 0.0056  -0.0576 0.0237  9  ORN A CG  
129 C CD  . ORN A 9  ? 0.1913 0.3466 0.1822 0.0023  -0.0579 0.0325  9  ORN A CD  
130 N NE  . ORN A 9  ? 0.1371 0.2854 0.1280 0.0011  -0.0565 0.0320  9  ORN A NE  
131 C C   . ORN A 9  ? 0.1480 0.2735 0.1448 0.0228  -0.0606 0.0292  9  ORN A C   
132 O O   . ORN A 9  ? 0.2587 0.3958 0.2615 0.0294  -0.0589 0.0282  9  ORN A O   
144 N N   . SER A 10 ? 0.1552 0.2557 0.1436 0.0216  -0.0613 0.0305  10 SER A N   
145 C CA  . SER A 10 ? 0.1621 0.2429 0.1459 0.0299  -0.0597 0.0287  10 SER A CA  
146 C C   . SER A 10 ? 0.1600 0.2463 0.1544 0.0249  -0.0538 0.0204  10 SER A C   
147 O O   . SER A 10 ? 0.1477 0.2430 0.1463 0.0162  -0.0521 0.0173  10 SER A O   
148 C CB  . SER A 10 ? 0.1862 0.2307 0.1493 0.0297  -0.0659 0.0349  10 SER A CB  
149 O OG  . SER A 10 ? 0.3050 0.3473 0.2682 0.0151  -0.0674 0.0370  10 SER A OG  
175 N N   . SER A 12 ? 0.1656 0.2231 0.1676 0.0297  -0.0411 0.0048  12 SER A N   
176 C CA  . SER A 12 ? 0.2136 0.2539 0.2100 0.0377  -0.0392 0.0039  12 SER A CA  
177 C C   . SER A 12 ? 0.2961 0.3382 0.3013 0.0309  -0.0346 -0.0026 12 SER A C   
178 O O   . SER A 12 ? 0.1570 0.2027 0.1661 0.0211  -0.0339 -0.0057 12 SER A O   
179 C CB  . SER A 12 ? 0.1614 0.1666 0.1370 0.0395  -0.0446 0.0083  12 SER A CB  
180 O OG  . SER A 12 ? 0.9085 0.8917 0.8731 0.0486  -0.0433 0.0068  12 SER A OG  
186 N N   . THR A 13 ? 0.1572 0.1972 0.1632 0.0383  -0.0314 -0.0038 13 THR A N   
187 C CA  . THR A 13 ? 0.2395 0.2771 0.2515 0.0327  -0.0276 -0.0091 13 THR A CA  
188 C C   . THR A 13 ? 0.2116 0.2248 0.2121 0.0413  -0.0269 -0.0085 13 THR A C   
189 O O   . THR A 13 ? 0.2410 0.2526 0.2339 0.0561  -0.0262 -0.0055 13 THR A O   
190 C CB  . THR A 13 ? 0.3572 0.4211 0.3819 0.0298  -0.0253 -0.0101 13 THR A CB  
191 O OG1 . THR A 13 ? 0.3682 0.4472 0.3970 0.0200  -0.0282 -0.0110 13 THR A OG1 
192 C CG2 . THR A 13 ? 0.3302 0.3879 0.3583 0.0238  -0.0223 -0.0150 13 THR A CG2 
200 N N   . THR A 14 ? 0.1676 0.1625 0.1640 0.0337  -0.0273 -0.0107 14 THR A N   
201 C CA  . THR A 14 ? 0.1504 0.1177 0.1325 0.0388  -0.0280 -0.0104 14 THR A CA  
202 C C   . THR A 14 ? 0.1757 0.1457 0.1674 0.0323  -0.0236 -0.0153 14 THR A C   
203 O O   . THR A 14 ? 0.1732 0.1537 0.1745 0.0220  -0.0222 -0.0174 14 THR A O   
204 C CB  . THR A 14 ? 0.1776 0.1158 0.1400 0.0327  -0.0360 -0.0051 14 THR A CB  
205 O OG1 . THR A 14 ? 0.2755 0.2087 0.2269 0.0383  -0.0409 -0.0004 14 THR A OG1 
206 C CG2 . THR A 14 ? 0.2675 0.1695 0.2076 0.0367  -0.0395 -0.0044 14 THR A CG2 
214 N N   . ALA A 15 ? 0.1872 0.1475 0.1739 0.0405  -0.0210 -0.0167 15 ALA A N   
215 C CA  . ALA A 15 ? 0.2593 0.2246 0.2560 0.0352  -0.0164 -0.0211 15 ALA A CA  
216 C C   . ALA A 15 ? 0.2086 0.1501 0.1912 0.0426  -0.0161 -0.0212 15 ALA A C   
217 O O   . ALA A 15 ? 0.2108 0.1386 0.1768 0.0574  -0.0172 -0.0192 15 ALA A O   
218 C CB  . ALA A 15 ? 0.2354 0.2304 0.2484 0.0347  -0.0124 -0.0225 15 ALA A CB  
224 N N   . VAL A 16 ? 0.3075 0.2426 0.2935 0.0343  -0.0145 -0.0238 16 VAL A N   
225 C CA  . VAL A 16 ? 0.2692 0.1884 0.2447 0.0370  -0.0129 -0.0232 16 VAL A CA  
226 C C   . VAL A 16 ? 0.1491 0.0799 0.1387 0.0290  -0.0075 -0.0259 16 VAL A C   
227 O O   . VAL A 16 ? 0.1774 0.1115 0.1732 0.0189  -0.0077 -0.0265 16 VAL A O   
228 C CB  . VAL A 16 ? 0.3758 0.2709 0.3323 0.0296  -0.0190 -0.0181 16 VAL A CB  
229 C CG1 . VAL A 16 ? 0.3999 0.2871 0.3474 0.0305  -0.0175 -0.0170 16 VAL A CG1 
230 C CG2 . VAL A 16 ? 0.4201 0.2978 0.3571 0.0351  -0.0260 -0.0148 16 VAL A CG2 
# 
